data_7TYI
#
_entry.id   7TYI
#
_cell.length_a   1.00
_cell.length_b   1.00
_cell.length_c   1.00
_cell.angle_alpha   90.00
_cell.angle_beta   90.00
_cell.angle_gamma   90.00
#
_symmetry.space_group_name_H-M   'P 1'
#
loop_
_entity.id
_entity.type
_entity.pdbx_description
1 polymer 'Guanine nucleotide-binding protein G(s) subunit alpha isoforms short'
2 polymer 'Guanine nucleotide-binding protein G(I)/G(S)/G(T) subunit beta-1'
3 polymer 'Guanine nucleotide-binding protein G(I)/G(S)/G(O) subunit gamma-2'
4 polymer 'Nanobody 35'
5 polymer 'Islet amyloid polypeptide'
6 polymer 'Calcitonin receptor'
7 non-polymer 'PALMITIC ACID'
8 non-polymer 2-acetamido-2-deoxy-beta-D-glucopyranose
#
loop_
_entity_poly.entity_id
_entity_poly.type
_entity_poly.pdbx_seq_one_letter_code
_entity_poly.pdbx_strand_id
1 'polypeptide(L)'
;MGCLGNSKTEDQRNEEKAQREANKKIEKQLQKDKQVYRATHRLLLLGAGESGKNTIVKQMRILHVNGFNGEGGEEDPQAA
RSNSDGEKATKVQDIKNNLKEAIETIVAAMSNLVPPVELANPENQFRVDYILSVMNVPDFDFPPEFYEHAKALWEDEGVR
ACYERSNEYQLIDCAQYFLDKIDVIKQADYVPSDQDLLRCRVLTSGIFETKFQVDKVNFHMFDVGGQRDERRKWIQCFND
VTAIIFVVASSSYNMVIREDNQTNRLQAALKLFDSIWNNKWLRDTSVILFLNKQDLLAEKVLAGKSKIEDYFPEFARYTT
PEDATPEPGEDPRVTRAKYFIRDEFLRISTASGDGRHYCYPHFTCSVDTENIRRVFNDCRDIIQRMHLRQYELL
;
A
2 'polypeptide(L)'
;MHHHHHHGSSGSELDQLRQEAEQLKNQIRDARKACADATLSQITNNIDPVGRIQMRTRRTLRGHLAKIYAMHWGTDSRLL
VSASQDGKLIIWDSYTTNKVHAIPLRSSWVMTCAYAPSGNYVACGGLDNICSIYNLKTREGNVRVSRELAGHTGYLSCCR
FLDDNQIVTSSGDTTCALWDIETGQQTTTFTGHTGDVMSLSLAPDTRLFVSGACDASAKLWDVREGMCRQTFTGHESDIN
AICFFPNGNAFATGSDDATCRLFDLRADQELMTYSHDNIICGITSVSFSKSGRLLLAGYDDFNCNVWDALKADRAGVLAG
HDNRVSCLGVTDDGMAVATGSWDSFLKIWN
;
B
3 'polypeptide(L)' MASNNTASIAQARKLVEQLKMEANIDRIKVSKAAADLMAYCEAHAKEDPLLTPVPASENPFREKKFFCAIL G
4 'polypeptide(L)'
;QVQLQESGGGLVQPGGSLRLSCAASGFTFSNYKMNWVRQAPGKGLEWVSDISQSGASISYTGSVKGRFTISRDNAKNTLY
LQMNSLKPEDTAVYYCARCPAPFTRDCFDVTSTTYAYRGQGTQVTVSSHHHHHHEPEA
;
N
5 'polypeptide(L)' KCNTATCATQRLANFLVRSSNNLGPVLPPTNVGSNTY(NH2) P
6 'polypeptide(L)'
;MKTIIALSYIFCLVFADYKDDDDLEVLFQGPAAFSNQTYPTIEPKPFLYVVGRKKMMDAQYKCYDRMQQLPAYQGEGPYC
NRTWDGWLCWDDTPAGVLSYQFCPDYFPDFDPSEKVTKYCDEKGVWFKHPENNRTWSNYTMCNAFTPEKLKNAYVLYYLA
IVGHSLSIFTLVISLGIFVFFRSLGCQRVTLHKNMFLTYILNSMIIIIHLVEVVPNGELVRRDPVSCKILHFFHQYMMAC
NYFWMLCEGIYLHTLIVVAVFTEKQRLRWYYLLGWGFPLVPTTIHAITRAVYFNDNCWLSVETHLLYIIHGPVMAALVVN
FFFLLNIVRVLVTKMRETHEAESHMYLKAVKATMILVPLLGIQFVVFPWRPSNKMLGKIYDYVMHSLIHFQGFFVATIYC
FCNNEVQTTVKRQWAQFKIQWNQRWGRRPSNRSARAAAAAAEAGDIPIYICHQELRNEPANNQGEESAEIIPLNIIEQES
SAPAGLEVLFQGPHHHHHHHH
;
R
#
loop_
_chem_comp.id
_chem_comp.type
_chem_comp.name
_chem_comp.formula
NAG D-saccharide, beta linking 2-acetamido-2-deoxy-beta-D-glucopyranose 'C8 H15 N O6'
NH2 non-polymer 'AMINO GROUP' 'H2 N'
PLM non-polymer 'PALMITIC ACID' 'C16 H32 O2'
#
# COMPACT_ATOMS: atom_id res chain seq x y z
N ASP A 11 7.53 44.49 9.98
CA ASP A 11 8.17 44.19 8.70
C ASP A 11 7.85 42.77 8.25
N GLN A 12 8.65 42.24 7.32
CA GLN A 12 8.42 40.89 6.83
C GLN A 12 8.82 39.84 7.86
N ARG A 13 9.71 40.19 8.80
CA ARG A 13 10.09 39.23 9.83
C ARG A 13 8.93 38.96 10.79
N ASN A 14 8.14 39.99 11.10
CA ASN A 14 7.02 39.80 12.01
C ASN A 14 5.92 38.96 11.37
N GLU A 15 5.61 39.22 10.09
CA GLU A 15 4.58 38.44 9.42
C GLU A 15 5.03 37.00 9.18
N GLU A 16 6.30 36.80 8.84
CA GLU A 16 6.81 35.45 8.65
C GLU A 16 6.80 34.68 9.96
N LYS A 17 7.15 35.33 11.06
CA LYS A 17 7.08 34.68 12.37
C LYS A 17 5.65 34.32 12.74
N ALA A 18 4.68 35.13 12.31
CA ALA A 18 3.28 34.80 12.56
C ALA A 18 2.86 33.57 11.77
N GLN A 19 3.38 33.41 10.55
CA GLN A 19 3.08 32.22 9.77
C GLN A 19 3.72 30.98 10.37
N ARG A 20 4.92 31.13 10.95
CA ARG A 20 5.57 30.00 11.60
C ARG A 20 4.81 29.56 12.84
N GLU A 21 4.31 30.53 13.63
CA GLU A 21 3.52 30.18 14.81
C GLU A 21 2.18 29.57 14.41
N ALA A 22 1.56 30.08 13.34
CA ALA A 22 0.31 29.51 12.87
C ALA A 22 0.52 28.11 12.28
N ASN A 23 1.67 27.88 11.65
CA ASN A 23 1.94 26.56 11.08
C ASN A 23 2.15 25.52 12.18
N LYS A 24 2.87 25.87 13.24
CA LYS A 24 3.09 24.93 14.33
C LYS A 24 1.80 24.64 15.07
N LYS A 25 0.90 25.61 15.16
CA LYS A 25 -0.40 25.36 15.77
C LYS A 25 -1.23 24.41 14.93
N ILE A 26 -1.13 24.52 13.60
CA ILE A 26 -1.85 23.61 12.73
C ILE A 26 -1.21 22.22 12.78
N GLU A 27 0.13 22.16 12.75
CA GLU A 27 0.81 20.88 12.82
C GLU A 27 0.54 20.17 14.14
N LYS A 28 0.37 20.94 15.22
CA LYS A 28 -0.02 20.35 16.49
C LYS A 28 -1.44 19.79 16.43
N GLN A 29 -2.35 20.49 15.74
CA GLN A 29 -3.70 19.98 15.57
C GLN A 29 -3.73 18.81 14.61
N LEU A 30 -2.86 18.82 13.60
CA LEU A 30 -2.80 17.70 12.67
C LEU A 30 -2.30 16.44 13.37
N GLN A 31 -1.37 16.60 14.31
CA GLN A 31 -0.90 15.44 15.07
C GLN A 31 -1.96 14.92 16.03
N LYS A 32 -2.66 15.84 16.70
CA LYS A 32 -3.71 15.42 17.64
C LYS A 32 -4.85 14.72 16.92
N ASP A 33 -5.21 15.21 15.72
CA ASP A 33 -6.27 14.57 14.96
C ASP A 33 -5.81 13.29 14.29
N LYS A 34 -4.51 13.20 13.94
CA LYS A 34 -4.00 11.95 13.38
C LYS A 34 -3.95 10.84 14.41
N GLN A 35 -3.75 11.19 15.68
CA GLN A 35 -3.76 10.18 16.73
C GLN A 35 -5.15 9.57 16.91
N VAL A 36 -6.19 10.39 16.76
CA VAL A 36 -7.56 9.91 16.86
C VAL A 36 -8.09 9.36 15.53
N TYR A 37 -7.36 9.57 14.44
CA TYR A 37 -7.76 9.05 13.13
C TYR A 37 -7.18 7.68 12.81
N ARG A 38 -5.95 7.41 13.24
CA ARG A 38 -5.35 6.11 13.03
C ARG A 38 -5.90 5.03 13.95
N ALA A 39 -6.60 5.42 15.01
CA ALA A 39 -7.20 4.47 15.94
C ALA A 39 -8.63 4.09 15.56
N THR A 40 -9.16 4.65 14.48
CA THR A 40 -10.50 4.34 14.01
C THR A 40 -10.43 3.50 12.75
N HIS A 41 -11.45 2.64 12.59
CA HIS A 41 -11.57 1.77 11.42
C HIS A 41 -12.80 2.17 10.64
N ARG A 42 -12.62 2.55 9.38
CA ARG A 42 -13.72 2.98 8.54
C ARG A 42 -14.35 1.77 7.85
N LEU A 43 -15.68 1.68 7.90
CA LEU A 43 -16.41 0.57 7.33
C LEU A 43 -17.49 1.10 6.39
N LEU A 44 -17.58 0.52 5.20
CA LEU A 44 -18.57 0.91 4.21
C LEU A 44 -19.71 -0.10 4.23
N LEU A 45 -20.86 0.31 4.76
CA LEU A 45 -22.05 -0.53 4.81
C LEU A 45 -22.81 -0.35 3.50
N LEU A 46 -22.64 -1.29 2.58
CA LEU A 46 -23.27 -1.23 1.27
C LEU A 46 -24.26 -2.38 1.12
N GLY A 47 -25.42 -2.07 0.53
CA GLY A 47 -26.45 -3.06 0.31
C GLY A 47 -27.27 -2.74 -0.92
N ALA A 48 -28.02 -3.73 -1.37
CA ALA A 48 -28.88 -3.58 -2.54
C ALA A 48 -30.19 -2.91 -2.15
N GLY A 49 -31.13 -2.86 -3.08
CA GLY A 49 -32.43 -2.26 -2.80
C GLY A 49 -33.21 -3.10 -1.82
N GLU A 50 -33.67 -2.47 -0.72
CA GLU A 50 -34.41 -3.16 0.34
C GLU A 50 -33.61 -4.35 0.88
N SER A 51 -32.32 -4.16 1.07
CA SER A 51 -31.44 -5.21 1.59
C SER A 51 -31.57 -5.42 3.09
N GLY A 52 -32.28 -4.53 3.78
CA GLY A 52 -32.43 -4.66 5.22
C GLY A 52 -31.22 -4.26 6.02
N LYS A 53 -30.37 -3.38 5.48
CA LYS A 53 -29.18 -2.94 6.22
C LYS A 53 -29.53 -2.06 7.41
N ASN A 54 -30.74 -1.51 7.45
CA ASN A 54 -31.14 -0.68 8.59
C ASN A 54 -31.24 -1.51 9.87
N THR A 55 -31.50 -2.81 9.73
CA THR A 55 -31.50 -3.69 10.91
C THR A 55 -30.11 -3.80 11.50
N ILE A 56 -29.07 -3.74 10.67
CA ILE A 56 -27.70 -3.75 11.19
C ILE A 56 -27.39 -2.44 11.89
N VAL A 57 -27.97 -1.33 11.42
CA VAL A 57 -27.78 -0.05 12.09
C VAL A 57 -28.40 -0.07 13.48
N LYS A 58 -29.50 -0.81 13.66
CA LYS A 58 -30.09 -0.96 14.98
C LYS A 58 -29.15 -1.67 15.95
N GLN A 59 -28.20 -2.44 15.45
CA GLN A 59 -27.20 -3.10 16.28
C GLN A 59 -26.08 -2.14 16.70
N MET A 60 -26.08 -0.92 16.17
CA MET A 60 -25.01 0.05 16.43
C MET A 60 -23.64 -0.53 16.06
N THR A 204 -31.97 15.81 1.17
CA THR A 204 -31.65 15.26 2.49
C THR A 204 -30.20 14.81 2.56
N SER A 205 -29.82 14.23 3.70
CA SER A 205 -28.47 13.74 3.87
C SER A 205 -28.24 12.47 3.04
N GLY A 206 -27.01 12.32 2.54
CA GLY A 206 -26.67 11.18 1.73
C GLY A 206 -25.68 10.25 2.39
N ILE A 207 -25.23 10.61 3.59
CA ILE A 207 -24.27 9.80 4.35
C ILE A 207 -24.71 9.77 5.80
N PHE A 208 -24.65 8.59 6.41
CA PHE A 208 -24.94 8.40 7.82
C PHE A 208 -23.74 7.77 8.50
N GLU A 209 -23.35 8.34 9.65
CA GLU A 209 -22.17 7.89 10.38
C GLU A 209 -22.59 7.38 11.75
N THR A 210 -22.17 6.16 12.07
CA THR A 210 -22.42 5.54 13.37
C THR A 210 -21.08 5.19 14.00
N LYS A 211 -20.69 5.95 15.02
CA LYS A 211 -19.39 5.75 15.68
C LYS A 211 -19.54 4.82 16.89
N PHE A 212 -19.97 3.59 16.61
CA PHE A 212 -20.11 2.61 17.67
C PHE A 212 -18.74 2.06 18.07
N GLN A 213 -18.57 1.83 19.37
CA GLN A 213 -17.30 1.38 19.93
C GLN A 213 -17.51 0.06 20.65
N VAL A 214 -16.64 -0.91 20.37
CA VAL A 214 -16.68 -2.22 21.00
C VAL A 214 -15.26 -2.63 21.36
N ASP A 215 -15.08 -3.14 22.58
CA ASP A 215 -13.77 -3.56 23.09
C ASP A 215 -12.77 -2.40 23.03
N LYS A 216 -13.24 -1.20 23.38
CA LYS A 216 -12.42 0.01 23.37
C LYS A 216 -11.78 0.25 21.99
N VAL A 217 -12.46 -0.15 20.93
CA VAL A 217 -11.98 0.06 19.56
C VAL A 217 -13.02 0.88 18.81
N ASN A 218 -12.57 1.98 18.22
CA ASN A 218 -13.48 2.88 17.51
C ASN A 218 -13.75 2.35 16.11
N PHE A 219 -15.03 2.17 15.78
CA PHE A 219 -15.46 1.74 14.47
C PHE A 219 -16.36 2.82 13.86
N HIS A 220 -16.12 3.15 12.60
CA HIS A 220 -16.83 4.23 11.92
C HIS A 220 -17.51 3.65 10.68
N MET A 221 -18.81 3.42 10.78
CA MET A 221 -19.59 2.91 9.66
C MET A 221 -20.19 4.07 8.86
N PHE A 222 -20.41 3.82 7.57
CA PHE A 222 -20.92 4.85 6.65
C PHE A 222 -22.04 4.23 5.83
N ASP A 223 -23.25 4.73 6.01
CA ASP A 223 -24.40 4.26 5.25
C ASP A 223 -24.45 4.92 3.88
N VAL A 224 -25.03 4.19 2.91
CA VAL A 224 -25.12 4.68 1.54
C VAL A 224 -26.45 5.37 1.25
N GLY A 225 -27.49 5.12 2.06
CA GLY A 225 -28.80 5.70 1.86
C GLY A 225 -28.81 7.19 1.62
N GLY A 226 -29.42 7.61 0.50
CA GLY A 226 -29.44 8.99 0.08
C GLY A 226 -28.73 9.25 -1.22
N GLN A 227 -27.94 8.29 -1.71
CA GLN A 227 -27.25 8.42 -2.98
C GLN A 227 -28.04 7.72 -4.09
N ARG A 228 -27.50 7.78 -5.30
CA ARG A 228 -28.15 7.21 -6.46
C ARG A 228 -27.59 5.81 -6.74
N ASP A 229 -28.12 5.17 -7.79
CA ASP A 229 -27.74 3.80 -8.13
C ASP A 229 -26.44 3.72 -8.91
N GLU A 230 -25.90 4.85 -9.38
CA GLU A 230 -24.66 4.86 -10.14
C GLU A 230 -23.49 4.89 -9.15
N ARG A 231 -22.89 3.72 -8.92
CA ARG A 231 -21.80 3.57 -7.96
C ARG A 231 -20.43 3.57 -8.63
N ARG A 232 -20.30 4.19 -9.80
CA ARG A 232 -19.04 4.14 -10.52
C ARG A 232 -18.04 5.17 -10.00
N LYS A 233 -18.47 6.42 -9.86
CA LYS A 233 -17.55 7.51 -9.59
C LYS A 233 -17.30 7.73 -8.10
N TRP A 234 -18.27 7.43 -7.23
CA TRP A 234 -18.11 7.67 -5.81
C TRP A 234 -17.63 6.44 -5.04
N ILE A 235 -17.53 5.28 -5.70
CA ILE A 235 -16.98 4.11 -5.01
C ILE A 235 -15.47 4.20 -4.87
N GLN A 236 -14.83 5.10 -5.62
CA GLN A 236 -13.39 5.30 -5.50
C GLN A 236 -13.01 5.99 -4.19
N CYS A 237 -13.98 6.54 -3.45
CA CYS A 237 -13.72 7.21 -2.19
C CYS A 237 -13.48 6.23 -1.05
N PHE A 238 -13.69 4.93 -1.26
CA PHE A 238 -13.57 3.93 -0.22
C PHE A 238 -12.43 2.97 -0.49
N ASN A 239 -11.30 3.48 -0.99
CA ASN A 239 -10.10 2.68 -1.19
C ASN A 239 -9.16 2.72 0.01
N ASP A 240 -9.53 3.44 1.06
CA ASP A 240 -8.74 3.49 2.28
C ASP A 240 -9.49 2.96 3.50
N VAL A 241 -10.74 2.52 3.33
CA VAL A 241 -11.50 2.01 4.46
C VAL A 241 -10.95 0.64 4.88
N THR A 242 -11.29 0.25 6.12
CA THR A 242 -10.84 -1.05 6.62
C THR A 242 -11.53 -2.20 5.91
N ALA A 243 -12.84 -2.10 5.72
CA ALA A 243 -13.59 -3.16 5.06
C ALA A 243 -14.89 -2.59 4.52
N ILE A 244 -15.49 -3.31 3.57
CA ILE A 244 -16.76 -2.96 2.98
C ILE A 244 -17.78 -4.01 3.42
N ILE A 245 -18.71 -3.60 4.27
CA ILE A 245 -19.74 -4.52 4.76
C ILE A 245 -20.83 -4.65 3.69
N PHE A 246 -20.98 -5.85 3.14
CA PHE A 246 -21.94 -6.12 2.09
C PHE A 246 -23.11 -6.90 2.66
N VAL A 247 -24.32 -6.43 2.39
CA VAL A 247 -25.55 -7.06 2.88
C VAL A 247 -26.37 -7.51 1.69
N VAL A 248 -26.75 -8.79 1.70
CA VAL A 248 -27.55 -9.38 0.63
C VAL A 248 -28.85 -9.90 1.24
N ALA A 249 -29.98 -9.54 0.62
CA ALA A 249 -31.29 -9.97 1.06
C ALA A 249 -31.86 -10.97 0.06
N SER A 250 -32.34 -12.09 0.57
CA SER A 250 -32.90 -13.14 -0.27
C SER A 250 -34.42 -13.20 -0.13
N ASN A 264 -34.86 -11.08 -9.51
CA ASN A 264 -33.58 -11.68 -9.18
C ASN A 264 -32.69 -10.70 -8.43
N ARG A 265 -32.85 -10.65 -7.11
CA ARG A 265 -32.06 -9.77 -6.27
C ARG A 265 -30.71 -10.38 -5.88
N LEU A 266 -30.46 -11.64 -6.21
CA LEU A 266 -29.21 -12.29 -5.88
C LEU A 266 -28.17 -12.12 -6.99
N GLN A 267 -28.60 -12.21 -8.25
CA GLN A 267 -27.66 -12.02 -9.36
C GLN A 267 -27.16 -10.59 -9.42
N ALA A 268 -27.99 -9.62 -9.04
CA ALA A 268 -27.55 -8.23 -8.99
C ALA A 268 -26.52 -8.01 -7.89
N ALA A 269 -26.65 -8.73 -6.78
CA ALA A 269 -25.67 -8.63 -5.70
C ALA A 269 -24.34 -9.25 -6.11
N LEU A 270 -24.39 -10.32 -6.90
CA LEU A 270 -23.15 -11.04 -7.26
C LEU A 270 -22.43 -10.27 -8.35
N LYS A 271 -23.18 -9.54 -9.20
CA LYS A 271 -22.58 -8.74 -10.32
C LYS A 271 -22.08 -7.40 -9.79
N LEU A 272 -22.49 -6.99 -8.60
CA LEU A 272 -21.94 -5.77 -7.97
C LEU A 272 -20.72 -6.18 -7.16
N PHE A 273 -20.82 -7.21 -6.32
CA PHE A 273 -19.63 -7.68 -5.61
C PHE A 273 -18.50 -8.00 -6.57
N ASP A 274 -18.82 -8.42 -7.78
CA ASP A 274 -17.79 -8.76 -8.79
C ASP A 274 -17.11 -7.49 -9.24
N SER A 275 -17.87 -6.41 -9.49
CA SER A 275 -17.29 -5.16 -9.98
C SER A 275 -16.44 -4.50 -8.91
N ILE A 276 -16.87 -4.58 -7.65
CA ILE A 276 -16.09 -4.02 -6.56
C ILE A 276 -14.80 -4.80 -6.35
N TRP A 277 -14.88 -6.13 -6.46
CA TRP A 277 -13.70 -6.96 -6.27
C TRP A 277 -12.68 -6.75 -7.39
N ASN A 278 -13.16 -6.46 -8.61
CA ASN A 278 -12.30 -6.28 -9.76
C ASN A 278 -12.00 -4.83 -10.06
N ASN A 279 -12.43 -3.90 -9.21
CA ASN A 279 -12.13 -2.49 -9.43
C ASN A 279 -10.64 -2.23 -9.23
N LYS A 280 -10.05 -1.41 -10.09
CA LYS A 280 -8.58 -1.16 -10.06
C LYS A 280 -8.14 -0.37 -8.83
N TRP A 281 -9.05 0.37 -8.23
CA TRP A 281 -8.71 1.11 -7.03
C TRP A 281 -9.16 0.41 -5.75
N LEU A 282 -9.94 -0.67 -5.86
CA LEU A 282 -10.41 -1.43 -4.70
C LEU A 282 -9.78 -2.81 -4.65
N ARG A 283 -8.54 -2.95 -5.12
CA ARG A 283 -7.85 -4.22 -5.11
C ARG A 283 -7.22 -4.56 -3.76
N ASP A 284 -7.23 -3.59 -2.85
CA ASP A 284 -6.66 -3.83 -1.51
C ASP A 284 -7.70 -3.63 -0.40
N THR A 285 -8.98 -3.41 -0.74
CA THR A 285 -10.08 -3.22 0.26
C THR A 285 -10.82 -4.54 0.45
N SER A 286 -10.94 -5.04 1.68
CA SER A 286 -11.56 -6.37 1.94
C SER A 286 -13.06 -6.23 2.11
N VAL A 287 -13.82 -7.29 1.85
CA VAL A 287 -15.27 -7.20 1.87
C VAL A 287 -15.80 -8.16 2.92
N ILE A 288 -16.69 -7.67 3.78
CA ILE A 288 -17.36 -8.48 4.79
C ILE A 288 -18.80 -8.69 4.36
N LEU A 289 -19.23 -9.94 4.33
CA LEU A 289 -20.58 -10.28 3.87
C LEU A 289 -21.49 -10.57 5.06
N PHE A 290 -22.77 -10.28 4.87
CA PHE A 290 -23.79 -10.55 5.87
C PHE A 290 -25.07 -10.92 5.14
N LEU A 291 -25.32 -12.22 4.99
CA LEU A 291 -26.50 -12.67 4.27
C LEU A 291 -27.76 -12.44 5.10
N ASN A 292 -28.41 -11.30 4.89
CA ASN A 292 -29.61 -10.95 5.62
C ASN A 292 -30.80 -11.73 5.07
N LYS A 293 -31.91 -11.66 5.81
CA LYS A 293 -33.15 -12.35 5.43
C LYS A 293 -32.95 -13.85 5.38
N GLN A 294 -32.29 -14.39 6.42
CA GLN A 294 -32.07 -15.83 6.49
C GLN A 294 -33.34 -16.56 6.88
N ASP A 295 -34.10 -16.01 7.83
CA ASP A 295 -35.31 -16.68 8.30
C ASP A 295 -36.38 -16.70 7.21
N LEU A 296 -36.50 -15.62 6.43
CA LEU A 296 -37.44 -15.63 5.32
C LEU A 296 -36.95 -16.51 4.18
N LEU A 297 -35.63 -16.59 3.98
CA LEU A 297 -35.09 -17.51 2.98
C LEU A 297 -35.39 -18.96 3.34
N ALA A 298 -35.43 -19.29 4.63
CA ALA A 298 -35.75 -20.64 5.05
C ALA A 298 -37.19 -21.00 4.71
N GLU A 299 -38.13 -20.08 4.94
CA GLU A 299 -39.53 -20.37 4.66
C GLU A 299 -39.85 -20.31 3.16
N LYS A 300 -39.05 -19.59 2.37
CA LYS A 300 -39.29 -19.54 0.93
C LYS A 300 -38.94 -20.87 0.26
N VAL A 301 -37.83 -21.48 0.68
CA VAL A 301 -37.43 -22.75 0.08
C VAL A 301 -38.25 -23.91 0.66
N LEU A 302 -38.73 -23.77 1.90
CA LEU A 302 -39.54 -24.81 2.51
C LEU A 302 -40.95 -24.84 1.93
N ALA A 303 -41.55 -23.67 1.72
CA ALA A 303 -42.90 -23.61 1.15
C ALA A 303 -42.91 -23.95 -0.33
N GLY A 304 -41.88 -23.52 -1.06
CA GLY A 304 -41.78 -23.85 -2.47
C GLY A 304 -42.55 -22.96 -3.41
N LYS A 305 -43.00 -21.79 -2.94
CA LYS A 305 -43.71 -20.87 -3.83
C LYS A 305 -42.77 -20.26 -4.85
N SER A 306 -41.52 -20.02 -4.45
CA SER A 306 -40.49 -19.51 -5.37
C SER A 306 -39.15 -20.07 -4.91
N LYS A 307 -38.75 -21.19 -5.53
CA LYS A 307 -37.46 -21.80 -5.22
C LYS A 307 -36.35 -21.07 -5.96
N ILE A 308 -35.11 -21.34 -5.55
CA ILE A 308 -33.94 -20.75 -6.18
C ILE A 308 -33.59 -21.53 -7.45
N GLU A 309 -34.38 -22.55 -7.76
CA GLU A 309 -34.10 -23.38 -8.92
C GLU A 309 -34.32 -22.62 -10.23
N ASP A 310 -35.32 -21.74 -10.28
CA ASP A 310 -35.58 -20.99 -11.50
C ASP A 310 -34.47 -19.99 -11.78
N TYR A 311 -33.93 -19.37 -10.74
CA TYR A 311 -32.84 -18.42 -10.92
C TYR A 311 -31.52 -19.13 -11.17
N PHE A 312 -31.22 -20.15 -10.37
CA PHE A 312 -29.98 -20.92 -10.50
C PHE A 312 -30.31 -22.39 -10.72
N PRO A 313 -30.22 -22.90 -11.96
CA PRO A 313 -30.51 -24.33 -12.18
C PRO A 313 -29.42 -25.25 -11.68
N GLU A 314 -28.23 -24.73 -11.39
CA GLU A 314 -27.13 -25.56 -10.91
C GLU A 314 -27.30 -25.96 -9.45
N PHE A 315 -28.29 -25.42 -8.75
CA PHE A 315 -28.47 -25.75 -7.34
C PHE A 315 -28.83 -27.22 -7.13
N ALA A 316 -29.44 -27.85 -8.14
CA ALA A 316 -29.78 -29.27 -8.02
C ALA A 316 -28.53 -30.14 -8.01
N ARG A 317 -27.50 -29.74 -8.75
CA ARG A 317 -26.26 -30.50 -8.82
C ARG A 317 -25.30 -30.18 -7.68
N TYR A 318 -25.60 -29.16 -6.87
CA TYR A 318 -24.72 -28.80 -5.77
C TYR A 318 -24.86 -29.78 -4.61
N THR A 319 -23.76 -29.99 -3.90
CA THR A 319 -23.72 -30.89 -2.75
C THR A 319 -23.35 -30.11 -1.49
N THR A 320 -23.93 -30.51 -0.38
CA THR A 320 -23.66 -29.84 0.89
C THR A 320 -22.25 -30.20 1.37
N PRO A 321 -21.43 -29.21 1.72
CA PRO A 321 -20.07 -29.53 2.18
C PRO A 321 -20.09 -30.21 3.54
N GLU A 322 -19.02 -30.98 3.80
CA GLU A 322 -18.94 -31.75 5.05
C GLU A 322 -18.69 -30.87 6.26
N ASP A 323 -18.17 -29.66 6.08
CA ASP A 323 -17.87 -28.75 7.18
C ASP A 323 -19.06 -27.87 7.55
N ALA A 324 -20.28 -28.28 7.20
CA ALA A 324 -21.45 -27.48 7.52
C ALA A 324 -21.75 -27.54 9.01
N THR A 325 -21.99 -26.37 9.60
CA THR A 325 -22.33 -26.24 11.02
C THR A 325 -23.68 -25.53 11.13
N PRO A 326 -24.78 -26.25 10.88
CA PRO A 326 -26.10 -25.62 10.91
C PRO A 326 -26.71 -25.63 12.31
N GLU A 327 -27.76 -24.85 12.45
CA GLU A 327 -28.50 -24.81 13.71
C GLU A 327 -29.27 -26.12 13.89
N PRO A 328 -29.20 -26.75 15.06
CA PRO A 328 -29.84 -28.07 15.22
C PRO A 328 -31.36 -27.97 15.12
N GLY A 329 -31.93 -28.89 14.33
CA GLY A 329 -33.35 -28.88 14.08
C GLY A 329 -33.78 -28.09 12.86
N GLU A 330 -32.91 -27.98 11.85
CA GLU A 330 -33.21 -27.24 10.64
C GLU A 330 -33.15 -28.17 9.44
N ASP A 331 -33.99 -27.91 8.46
CA ASP A 331 -33.97 -28.69 7.23
C ASP A 331 -32.64 -28.48 6.53
N PRO A 332 -31.91 -29.55 6.19
CA PRO A 332 -30.63 -29.37 5.48
C PRO A 332 -30.77 -28.69 4.12
N ARG A 333 -31.98 -28.56 3.58
CA ARG A 333 -32.17 -27.82 2.34
C ARG A 333 -31.82 -26.34 2.53
N VAL A 334 -32.17 -25.78 3.69
CA VAL A 334 -31.82 -24.39 3.98
C VAL A 334 -30.31 -24.25 4.13
N THR A 335 -29.68 -25.20 4.83
CA THR A 335 -28.22 -25.17 4.96
C THR A 335 -27.55 -25.34 3.61
N ARG A 336 -28.13 -26.17 2.74
CA ARG A 336 -27.60 -26.32 1.39
C ARG A 336 -27.75 -25.03 0.60
N ALA A 337 -28.87 -24.32 0.77
CA ALA A 337 -29.06 -23.05 0.08
C ALA A 337 -28.14 -21.97 0.63
N LYS A 338 -27.88 -21.99 1.94
CA LYS A 338 -27.00 -21.00 2.54
C LYS A 338 -25.55 -21.20 2.07
N TYR A 339 -25.09 -22.45 2.01
CA TYR A 339 -23.72 -22.71 1.57
C TYR A 339 -23.57 -22.54 0.06
N PHE A 340 -24.66 -22.73 -0.69
CA PHE A 340 -24.59 -22.48 -2.13
C PHE A 340 -24.40 -21.00 -2.44
N ILE A 341 -25.11 -20.13 -1.73
CA ILE A 341 -24.91 -18.70 -1.89
C ILE A 341 -23.52 -18.30 -1.42
N ARG A 342 -23.04 -18.93 -0.35
CA ARG A 342 -21.70 -18.63 0.15
C ARG A 342 -20.63 -19.02 -0.86
N ASP A 343 -20.78 -20.19 -1.49
CA ASP A 343 -19.81 -20.63 -2.49
C ASP A 343 -19.85 -19.76 -3.73
N GLU A 344 -21.02 -19.19 -4.06
CA GLU A 344 -21.12 -18.31 -5.21
C GLU A 344 -20.33 -17.02 -5.00
N PHE A 345 -20.39 -16.46 -3.79
CA PHE A 345 -19.63 -15.26 -3.48
C PHE A 345 -18.15 -15.56 -3.29
N LEU A 346 -17.83 -16.75 -2.78
CA LEU A 346 -16.43 -17.10 -2.56
C LEU A 346 -15.71 -17.36 -3.89
N ARG A 347 -16.37 -18.03 -4.83
CA ARG A 347 -15.74 -18.32 -6.10
C ARG A 347 -15.50 -17.04 -6.91
N ILE A 348 -16.26 -15.98 -6.64
CA ILE A 348 -15.99 -14.70 -7.28
C ILE A 348 -14.80 -14.01 -6.63
N SER A 349 -14.69 -14.11 -5.30
CA SER A 349 -13.58 -13.46 -4.60
C SER A 349 -12.26 -14.15 -4.91
N THR A 350 -12.24 -15.48 -4.91
CA THR A 350 -11.02 -16.22 -5.21
C THR A 350 -10.70 -16.26 -6.71
N ALA A 351 -11.59 -15.76 -7.56
CA ALA A 351 -11.30 -15.71 -8.99
C ALA A 351 -10.20 -14.70 -9.28
N SER A 352 -10.21 -13.55 -8.59
CA SER A 352 -9.20 -12.53 -8.76
C SER A 352 -8.44 -12.26 -7.46
N GLY A 353 -8.51 -13.18 -6.50
CA GLY A 353 -7.82 -13.00 -5.24
C GLY A 353 -6.32 -13.24 -5.34
N ASP A 354 -5.53 -12.19 -5.14
CA ASP A 354 -4.08 -12.27 -5.21
C ASP A 354 -3.42 -12.05 -3.85
N GLY A 355 -4.19 -12.19 -2.77
CA GLY A 355 -3.65 -12.02 -1.43
C GLY A 355 -3.74 -10.62 -0.88
N ARG A 356 -4.14 -9.63 -1.69
CA ARG A 356 -4.22 -8.26 -1.21
C ARG A 356 -5.49 -8.01 -0.40
N HIS A 357 -6.54 -8.79 -0.64
CA HIS A 357 -7.80 -8.62 0.07
C HIS A 357 -8.60 -9.92 -0.02
N TYR A 358 -9.24 -10.27 1.08
CA TYR A 358 -10.01 -11.51 1.18
C TYR A 358 -11.46 -11.19 1.52
N CYS A 359 -12.29 -12.23 1.49
CA CYS A 359 -13.72 -12.12 1.78
C CYS A 359 -14.05 -12.88 3.07
N TYR A 360 -15.04 -12.37 3.80
CA TYR A 360 -15.47 -12.95 5.07
C TYR A 360 -16.99 -13.10 5.06
N PRO A 361 -17.50 -14.18 4.50
CA PRO A 361 -18.96 -14.39 4.48
C PRO A 361 -19.48 -14.81 5.85
N HIS A 362 -20.72 -14.41 6.12
CA HIS A 362 -21.37 -14.71 7.39
C HIS A 362 -22.87 -14.88 7.15
N PHE A 363 -23.61 -15.06 8.24
CA PHE A 363 -25.05 -15.22 8.19
C PHE A 363 -25.69 -14.38 9.28
N THR A 364 -26.86 -13.83 8.99
CA THR A 364 -27.55 -12.95 9.91
C THR A 364 -29.06 -13.08 9.73
N CYS A 365 -29.78 -12.99 10.84
CA CYS A 365 -31.24 -12.99 10.81
C CYS A 365 -31.77 -11.69 11.39
N SER A 366 -33.08 -11.58 11.55
CA SER A 366 -33.69 -10.35 12.03
C SER A 366 -33.62 -10.20 13.55
N VAL A 367 -33.18 -11.23 14.27
CA VAL A 367 -33.10 -11.19 15.72
C VAL A 367 -31.69 -11.47 16.22
N ASP A 368 -30.71 -11.55 15.33
CA ASP A 368 -29.34 -11.82 15.74
C ASP A 368 -28.73 -10.57 16.39
N THR A 369 -28.02 -10.78 17.50
CA THR A 369 -27.41 -9.69 18.25
C THR A 369 -25.89 -9.76 18.25
N GLU A 370 -25.29 -10.74 17.59
CA GLU A 370 -23.84 -10.90 17.57
C GLU A 370 -23.22 -10.34 16.29
N ASN A 371 -23.91 -9.42 15.61
CA ASN A 371 -23.37 -8.86 14.38
C ASN A 371 -22.15 -7.98 14.64
N ILE A 372 -22.13 -7.27 15.77
CA ILE A 372 -20.98 -6.43 16.08
C ILE A 372 -19.76 -7.28 16.43
N ARG A 373 -19.98 -8.47 16.98
CA ARG A 373 -18.86 -9.36 17.28
C ARG A 373 -18.29 -9.98 16.02
N ARG A 374 -19.13 -10.25 15.02
CA ARG A 374 -18.64 -10.78 13.76
C ARG A 374 -17.79 -9.76 13.02
N VAL A 375 -18.23 -8.51 13.00
CA VAL A 375 -17.44 -7.45 12.37
C VAL A 375 -16.13 -7.24 13.13
N PHE A 376 -16.18 -7.32 14.46
CA PHE A 376 -14.97 -7.15 15.25
C PHE A 376 -13.95 -8.25 14.95
N ASN A 377 -14.42 -9.49 14.83
CA ASN A 377 -13.50 -10.59 14.52
C ASN A 377 -13.02 -10.51 13.08
N ASP A 378 -13.88 -10.06 12.16
CA ASP A 378 -13.46 -9.91 10.77
C ASP A 378 -12.47 -8.78 10.60
N CYS A 379 -12.74 -7.62 11.23
CA CYS A 379 -11.81 -6.50 11.14
C CYS A 379 -10.49 -6.81 11.84
N ARG A 380 -10.53 -7.63 12.89
CA ARG A 380 -9.29 -8.04 13.54
C ARG A 380 -8.43 -8.88 12.61
N ASP A 381 -9.07 -9.76 11.83
CA ASP A 381 -8.32 -10.59 10.87
C ASP A 381 -7.71 -9.76 9.76
N ILE A 382 -8.36 -8.67 9.37
CA ILE A 382 -7.86 -7.86 8.26
C ILE A 382 -6.59 -7.12 8.66
N ILE A 383 -6.62 -6.43 9.80
CA ILE A 383 -5.45 -5.69 10.27
C ILE A 383 -4.33 -6.66 10.63
N GLN A 384 -4.68 -7.83 11.17
CA GLN A 384 -3.67 -8.82 11.52
C GLN A 384 -3.06 -9.48 10.30
N ARG A 385 -3.77 -9.54 9.19
CA ARG A 385 -3.26 -10.17 7.98
C ARG A 385 -2.44 -9.22 7.11
N MET A 386 -2.80 -7.93 7.08
CA MET A 386 -2.03 -6.97 6.30
C MET A 386 -0.69 -6.66 6.95
N HIS A 387 -0.56 -6.86 8.26
CA HIS A 387 0.74 -6.68 8.90
C HIS A 387 1.71 -7.81 8.52
N LEU A 388 1.19 -9.01 8.26
CA LEU A 388 2.03 -10.10 7.81
C LEU A 388 2.59 -9.84 6.42
N ARG A 389 1.86 -9.07 5.59
CA ARG A 389 2.34 -8.76 4.26
C ARG A 389 3.43 -7.69 4.26
N GLN A 390 3.46 -6.84 5.30
CA GLN A 390 4.51 -5.84 5.40
C GLN A 390 5.88 -6.50 5.63
N TYR A 391 5.91 -7.55 6.45
CA TYR A 391 7.12 -8.31 6.70
C TYR A 391 7.33 -9.44 5.68
N GLU A 392 6.44 -9.54 4.68
CA GLU A 392 6.51 -10.58 3.65
C GLU A 392 6.46 -11.98 4.25
N LEU A 393 5.74 -12.14 5.35
CA LEU A 393 5.60 -13.46 5.96
C LEU A 393 4.60 -14.33 5.21
N LEU A 394 3.59 -13.73 4.59
CA LEU A 394 2.60 -14.46 3.82
C LEU A 394 3.12 -14.77 2.42
N SER B 12 -45.11 4.55 -31.88
CA SER B 12 -46.34 5.30 -31.68
C SER B 12 -46.05 6.81 -31.66
N GLU B 13 -45.88 7.37 -30.47
CA GLU B 13 -45.60 8.78 -30.32
C GLU B 13 -44.12 9.07 -30.25
N LEU B 14 -43.32 8.13 -29.75
CA LEU B 14 -41.87 8.31 -29.68
C LEU B 14 -41.17 8.09 -31.01
N ASP B 15 -41.90 7.64 -32.04
CA ASP B 15 -41.26 7.36 -33.32
C ASP B 15 -40.87 8.63 -34.04
N GLN B 16 -41.84 9.53 -34.27
CA GLN B 16 -41.55 10.75 -35.01
C GLN B 16 -40.67 11.71 -34.19
N LEU B 17 -40.71 11.60 -32.86
CA LEU B 17 -39.85 12.45 -32.05
C LEU B 17 -38.40 11.99 -32.11
N ARG B 18 -38.15 10.68 -32.01
CA ARG B 18 -36.80 10.18 -32.13
C ARG B 18 -36.26 10.30 -33.55
N GLN B 19 -37.13 10.16 -34.54
CA GLN B 19 -36.70 10.33 -35.93
C GLN B 19 -36.36 11.77 -36.23
N GLU B 20 -37.14 12.71 -35.68
CA GLU B 20 -36.82 14.13 -35.83
C GLU B 20 -35.53 14.48 -35.09
N ALA B 21 -35.32 13.89 -33.91
CA ALA B 21 -34.07 14.11 -33.19
C ALA B 21 -32.89 13.51 -33.95
N GLU B 22 -33.12 12.42 -34.67
CA GLU B 22 -32.04 11.80 -35.45
C GLU B 22 -31.66 12.67 -36.64
N GLN B 23 -32.66 13.18 -37.37
CA GLN B 23 -32.38 14.02 -38.53
C GLN B 23 -31.66 15.30 -38.11
N LEU B 24 -31.98 15.82 -36.92
CA LEU B 24 -31.30 17.02 -36.43
C LEU B 24 -29.82 16.75 -36.21
N LYS B 25 -29.47 15.54 -35.77
CA LYS B 25 -28.07 15.20 -35.56
C LYS B 25 -27.30 15.08 -36.87
N ASN B 26 -27.96 14.59 -37.92
CA ASN B 26 -27.30 14.46 -39.21
C ASN B 26 -27.05 15.82 -39.86
N GLN B 27 -28.07 16.70 -39.84
CA GLN B 27 -27.89 18.02 -40.43
C GLN B 27 -26.90 18.87 -39.63
N ILE B 28 -26.81 18.64 -38.32
CA ILE B 28 -25.78 19.32 -37.53
C ILE B 28 -24.40 18.75 -37.85
N ARG B 29 -24.30 17.43 -37.97
CA ARG B 29 -23.03 16.81 -38.35
C ARG B 29 -22.61 17.24 -39.76
N ASP B 30 -23.56 17.35 -40.67
CA ASP B 30 -23.24 17.83 -42.01
C ASP B 30 -22.84 19.31 -41.99
N ALA B 31 -23.45 20.09 -41.10
CA ALA B 31 -23.07 21.50 -40.98
C ALA B 31 -21.67 21.65 -40.36
N ARG B 32 -21.28 20.73 -39.48
CA ARG B 32 -19.94 20.78 -38.91
C ARG B 32 -18.89 20.46 -39.96
N LYS B 33 -19.12 19.40 -40.75
CA LYS B 33 -18.16 19.04 -41.80
C LYS B 33 -18.14 20.07 -42.92
N ALA B 34 -19.27 20.74 -43.17
CA ALA B 34 -19.30 21.77 -44.20
C ALA B 34 -18.41 22.95 -43.84
N CYS B 35 -18.36 23.30 -42.56
CA CYS B 35 -17.51 24.39 -42.07
C CYS B 35 -16.14 23.90 -41.62
N ALA B 36 -15.74 22.69 -42.03
CA ALA B 36 -14.44 22.12 -41.68
C ALA B 36 -13.70 21.79 -42.96
N ASP B 37 -12.67 22.58 -43.27
CA ASP B 37 -11.88 22.39 -44.48
C ASP B 37 -10.41 22.14 -44.21
N ALA B 38 -9.80 22.84 -43.25
CA ALA B 38 -8.39 22.71 -42.95
C ALA B 38 -8.22 22.44 -41.46
N THR B 39 -7.56 21.34 -41.12
CA THR B 39 -7.32 21.00 -39.73
C THR B 39 -6.28 21.94 -39.12
N LEU B 40 -6.47 22.25 -37.83
CA LEU B 40 -5.54 23.13 -37.13
C LEU B 40 -4.12 22.57 -37.14
N SER B 41 -3.97 21.24 -37.20
CA SER B 41 -2.65 20.64 -37.27
C SER B 41 -1.92 21.06 -38.54
N GLN B 42 -2.64 21.20 -39.65
CA GLN B 42 -2.03 21.63 -40.90
C GLN B 42 -1.72 23.12 -40.91
N ILE B 43 -2.45 23.92 -40.14
CA ILE B 43 -2.19 25.36 -40.13
C ILE B 43 -0.88 25.66 -39.40
N THR B 44 -0.66 25.01 -38.26
CA THR B 44 0.54 25.22 -37.47
C THR B 44 1.70 24.33 -37.92
N ASN B 45 1.56 23.66 -39.07
CA ASN B 45 2.63 22.78 -39.55
C ASN B 45 3.87 23.56 -39.96
N ASN B 46 3.70 24.82 -40.37
CA ASN B 46 4.82 25.67 -40.78
C ASN B 46 5.30 26.57 -39.65
N ILE B 47 5.19 26.10 -38.41
CA ILE B 47 5.60 26.86 -37.24
C ILE B 47 6.64 26.05 -36.48
N ASP B 48 7.69 26.72 -36.03
CA ASP B 48 8.76 26.06 -35.29
C ASP B 48 8.22 25.49 -33.98
N PRO B 49 8.31 24.18 -33.76
CA PRO B 49 7.80 23.62 -32.51
C PRO B 49 8.63 24.05 -31.31
N VAL B 50 8.02 23.93 -30.12
CA VAL B 50 8.72 24.29 -28.89
C VAL B 50 9.82 23.28 -28.60
N GLY B 51 9.56 22.00 -28.82
CA GLY B 51 10.55 20.95 -28.58
C GLY B 51 10.42 20.36 -27.17
N ARG B 52 11.44 20.59 -26.34
CA ARG B 52 11.47 20.12 -24.98
C ARG B 52 11.60 21.28 -24.02
N ILE B 53 10.96 21.16 -22.86
CA ILE B 53 11.00 22.18 -21.82
C ILE B 53 11.54 21.56 -20.55
N GLN B 54 12.32 22.34 -19.79
CA GLN B 54 12.94 21.87 -18.56
C GLN B 54 12.17 22.46 -17.38
N MET B 55 11.22 21.68 -16.86
CA MET B 55 10.43 22.06 -15.70
C MET B 55 10.74 21.11 -14.55
N ARG B 56 11.12 21.67 -13.41
CA ARG B 56 11.50 20.89 -12.24
C ARG B 56 10.66 21.31 -11.04
N THR B 57 10.52 20.38 -10.09
CA THR B 57 9.77 20.66 -8.87
C THR B 57 10.49 21.73 -8.05
N ARG B 58 9.71 22.70 -7.56
CA ARG B 58 10.25 23.81 -6.79
C ARG B 58 9.88 23.72 -5.32
N ARG B 59 8.59 23.62 -5.00
CA ARG B 59 8.10 23.54 -3.63
C ARG B 59 7.31 22.27 -3.44
N THR B 60 7.35 21.75 -2.21
CA THR B 60 6.64 20.53 -1.85
C THR B 60 5.90 20.75 -0.54
N LEU B 61 4.69 20.21 -0.45
CA LEU B 61 3.83 20.38 0.71
C LEU B 61 3.61 19.02 1.35
N ARG B 62 3.78 18.95 2.68
CA ARG B 62 3.77 17.70 3.43
C ARG B 62 2.84 17.79 4.63
N GLY B 63 1.61 18.28 4.39
CA GLY B 63 0.68 18.46 5.49
C GLY B 63 -0.69 17.86 5.28
N HIS B 64 -0.77 16.70 4.64
CA HIS B 64 -2.04 16.02 4.43
C HIS B 64 -1.91 14.56 4.84
N LEU B 65 -3.02 14.00 5.30
CA LEU B 65 -3.08 12.61 5.74
C LEU B 65 -3.69 11.70 4.69
N ALA B 66 -4.90 12.02 4.22
CA ALA B 66 -5.59 11.21 3.24
C ALA B 66 -5.38 11.78 1.84
N LYS B 67 -5.90 11.06 0.85
CA LYS B 67 -5.72 11.44 -0.55
C LYS B 67 -6.38 12.78 -0.84
N ILE B 68 -5.83 13.50 -1.80
CA ILE B 68 -6.30 14.82 -2.19
C ILE B 68 -7.14 14.69 -3.45
N TYR B 69 -8.31 15.31 -3.46
CA TYR B 69 -9.23 15.23 -4.60
C TYR B 69 -9.05 16.40 -5.57
N ALA B 70 -9.27 17.63 -5.08
CA ALA B 70 -9.24 18.80 -5.94
C ALA B 70 -8.50 19.93 -5.24
N MET B 71 -8.07 20.90 -6.02
CA MET B 71 -7.43 22.10 -5.51
C MET B 71 -7.79 23.26 -6.42
N HIS B 72 -7.43 24.47 -5.97
CA HIS B 72 -7.72 25.67 -6.74
C HIS B 72 -6.73 26.75 -6.36
N TRP B 73 -6.27 27.50 -7.36
CA TRP B 73 -5.33 28.59 -7.16
C TRP B 73 -6.09 29.86 -6.80
N GLY B 74 -5.37 30.98 -6.74
CA GLY B 74 -5.99 32.26 -6.42
C GLY B 74 -5.69 33.28 -7.51
N THR B 75 -6.46 34.37 -7.47
CA THR B 75 -6.26 35.46 -8.42
C THR B 75 -4.89 36.10 -8.26
N ASP B 76 -4.36 36.11 -7.04
CA ASP B 76 -3.03 36.64 -6.77
C ASP B 76 -1.92 35.61 -6.96
N SER B 77 -2.28 34.36 -7.29
CA SER B 77 -1.32 33.27 -7.45
C SER B 77 -0.42 33.14 -6.22
N ARG B 78 -1.03 33.26 -5.03
CA ARG B 78 -0.32 33.20 -3.77
C ARG B 78 -0.68 31.98 -2.95
N LEU B 79 -1.97 31.76 -2.69
CA LEU B 79 -2.43 30.66 -1.86
C LEU B 79 -3.19 29.64 -2.70
N LEU B 80 -3.44 28.49 -2.09
CA LEU B 80 -4.21 27.43 -2.72
C LEU B 80 -4.86 26.58 -1.64
N VAL B 81 -6.09 26.16 -1.88
CA VAL B 81 -6.86 25.34 -0.94
C VAL B 81 -6.94 23.92 -1.51
N SER B 82 -6.91 22.94 -0.62
CA SER B 82 -7.00 21.53 -1.01
C SER B 82 -7.84 20.78 0.00
N ALA B 83 -8.43 19.68 -0.46
CA ALA B 83 -9.31 18.85 0.36
C ALA B 83 -8.78 17.43 0.44
N SER B 84 -9.17 16.74 1.51
CA SER B 84 -8.75 15.36 1.72
C SER B 84 -9.81 14.64 2.53
N GLN B 85 -9.74 13.29 2.49
CA GLN B 85 -10.76 12.47 3.14
C GLN B 85 -10.74 12.57 4.66
N ASP B 86 -9.69 13.14 5.25
CA ASP B 86 -9.65 13.29 6.69
C ASP B 86 -10.62 14.36 7.20
N GLY B 87 -11.22 15.14 6.31
CA GLY B 87 -12.13 16.19 6.72
C GLY B 87 -11.42 17.48 7.07
N LYS B 88 -10.45 17.86 6.24
CA LYS B 88 -9.65 19.06 6.48
C LYS B 88 -9.51 19.86 5.20
N LEU B 89 -9.49 21.18 5.34
CA LEU B 89 -9.24 22.11 4.25
C LEU B 89 -8.03 22.95 4.61
N ILE B 90 -6.93 22.78 3.86
CA ILE B 90 -5.68 23.46 4.14
C ILE B 90 -5.46 24.53 3.07
N ILE B 91 -5.31 25.77 3.50
CA ILE B 91 -5.00 26.89 2.62
C ILE B 91 -3.49 27.07 2.64
N TRP B 92 -2.82 26.50 1.64
CA TRP B 92 -1.37 26.49 1.61
C TRP B 92 -0.81 27.82 1.16
N ASP B 93 0.48 28.02 1.43
CA ASP B 93 1.25 29.15 0.94
C ASP B 93 2.23 28.63 -0.11
N SER B 94 2.08 29.10 -1.35
CA SER B 94 2.87 28.56 -2.45
C SER B 94 4.32 29.00 -2.42
N TYR B 95 4.65 30.02 -1.63
CA TYR B 95 6.02 30.55 -1.59
C TYR B 95 6.80 30.03 -0.39
N THR B 96 6.26 30.20 0.82
CA THR B 96 6.99 29.89 2.05
C THR B 96 6.66 28.51 2.62
N THR B 97 5.74 27.78 1.99
CA THR B 97 5.35 26.43 2.45
C THR B 97 4.86 26.48 3.90
N ASN B 98 3.97 27.43 4.19
CA ASN B 98 3.41 27.61 5.52
C ASN B 98 1.89 27.46 5.46
N LYS B 99 1.36 26.58 6.30
CA LYS B 99 -0.09 26.39 6.35
C LYS B 99 -0.76 27.60 7.00
N VAL B 100 -1.78 28.14 6.33
CA VAL B 100 -2.47 29.33 6.82
C VAL B 100 -3.74 28.98 7.56
N HIS B 101 -4.55 28.05 7.02
CA HIS B 101 -5.80 27.67 7.63
C HIS B 101 -5.92 26.15 7.67
N ALA B 102 -6.72 25.66 8.61
CA ALA B 102 -7.01 24.24 8.74
C ALA B 102 -8.45 24.11 9.22
N ILE B 103 -9.36 23.90 8.27
CA ILE B 103 -10.80 23.89 8.55
C ILE B 103 -11.21 22.44 8.80
N PRO B 104 -11.61 22.08 10.02
CA PRO B 104 -12.08 20.71 10.28
C PRO B 104 -13.49 20.51 9.76
N LEU B 105 -13.61 19.74 8.68
CA LEU B 105 -14.91 19.51 8.07
C LEU B 105 -15.76 18.57 8.93
N ARG B 106 -17.07 18.82 8.93
CA ARG B 106 -17.99 17.96 9.67
C ARG B 106 -18.07 16.58 9.04
N SER B 107 -18.15 16.51 7.71
CA SER B 107 -18.14 15.24 7.00
C SER B 107 -16.70 14.79 6.76
N SER B 108 -16.55 13.64 6.09
CA SER B 108 -15.22 13.11 5.81
C SER B 108 -15.11 12.55 4.40
N TRP B 109 -15.96 12.99 3.48
CA TRP B 109 -15.96 12.50 2.10
C TRP B 109 -16.05 13.66 1.12
N VAL B 110 -15.25 14.70 1.36
CA VAL B 110 -15.22 15.84 0.45
C VAL B 110 -14.55 15.44 -0.85
N MET B 111 -15.16 15.85 -1.98
CA MET B 111 -14.67 15.48 -3.29
C MET B 111 -14.17 16.65 -4.13
N THR B 112 -14.38 17.89 -3.69
CA THR B 112 -13.96 19.04 -4.46
C THR B 112 -13.81 20.24 -3.54
N CYS B 113 -13.13 21.27 -4.05
CA CYS B 113 -12.97 22.53 -3.33
C CYS B 113 -12.77 23.64 -4.35
N ALA B 114 -13.04 24.87 -3.92
CA ALA B 114 -12.93 26.02 -4.78
C ALA B 114 -12.39 27.20 -3.99
N TYR B 115 -11.77 28.14 -4.71
CA TYR B 115 -11.20 29.34 -4.12
C TYR B 115 -11.86 30.55 -4.77
N ALA B 116 -12.49 31.40 -3.95
CA ALA B 116 -13.19 32.56 -4.47
C ALA B 116 -12.19 33.57 -5.03
N PRO B 117 -12.58 34.31 -6.08
CA PRO B 117 -11.65 35.31 -6.65
C PRO B 117 -11.32 36.42 -5.69
N SER B 118 -12.22 36.78 -4.77
CA SER B 118 -11.94 37.81 -3.78
C SER B 118 -11.03 37.31 -2.67
N GLY B 119 -10.88 35.99 -2.52
CA GLY B 119 -10.03 35.45 -1.48
C GLY B 119 -10.66 35.39 -0.10
N ASN B 120 -11.97 35.58 0.01
CA ASN B 120 -12.64 35.57 1.30
C ASN B 120 -13.41 34.28 1.58
N TYR B 121 -13.84 33.56 0.54
CA TYR B 121 -14.64 32.36 0.70
C TYR B 121 -13.94 31.16 0.08
N VAL B 122 -14.25 29.98 0.61
CA VAL B 122 -13.78 28.72 0.06
C VAL B 122 -14.97 27.75 0.03
N ALA B 123 -14.88 26.77 -0.86
CA ALA B 123 -15.96 25.82 -1.05
C ALA B 123 -15.48 24.40 -0.79
N CYS B 124 -16.44 23.51 -0.58
CA CYS B 124 -16.16 22.10 -0.37
C CYS B 124 -17.46 21.32 -0.56
N GLY B 125 -17.32 20.09 -1.06
CA GLY B 125 -18.47 19.25 -1.30
C GLY B 125 -18.05 17.82 -1.56
N GLY B 126 -19.01 16.91 -1.39
CA GLY B 126 -18.76 15.50 -1.61
C GLY B 126 -19.97 14.62 -1.40
N LEU B 127 -19.78 13.49 -0.72
CA LEU B 127 -20.86 12.54 -0.51
C LEU B 127 -21.94 13.05 0.45
N ASP B 128 -21.70 14.16 1.14
CA ASP B 128 -22.68 14.73 2.04
C ASP B 128 -23.81 15.44 1.32
N ASN B 129 -23.71 15.61 0.00
CA ASN B 129 -24.73 16.26 -0.83
C ASN B 129 -24.99 17.70 -0.38
N ILE B 130 -24.03 18.33 0.29
CA ILE B 130 -24.18 19.69 0.80
C ILE B 130 -22.91 20.46 0.48
N CYS B 131 -23.05 21.59 -0.21
CA CYS B 131 -21.94 22.47 -0.51
C CYS B 131 -21.79 23.48 0.61
N SER B 132 -20.69 23.39 1.36
CA SER B 132 -20.46 24.24 2.52
C SER B 132 -19.49 25.36 2.15
N ILE B 133 -19.92 26.60 2.39
CA ILE B 133 -19.09 27.78 2.14
C ILE B 133 -18.52 28.24 3.47
N TYR B 134 -17.19 28.33 3.55
CA TYR B 134 -16.51 28.73 4.76
C TYR B 134 -15.94 30.14 4.59
N ASN B 135 -16.31 31.04 5.50
CA ASN B 135 -15.83 32.41 5.46
C ASN B 135 -14.47 32.49 6.16
N LEU B 136 -13.53 33.20 5.53
CA LEU B 136 -12.20 33.35 6.08
C LEU B 136 -12.06 34.62 6.92
N LYS B 137 -12.61 35.73 6.44
CA LYS B 137 -12.52 37.01 7.15
C LYS B 137 -13.67 37.12 8.14
N THR B 138 -13.57 36.30 9.19
CA THR B 138 -14.56 36.30 10.26
C THR B 138 -14.18 37.37 11.29
N ARG B 139 -14.86 37.36 12.44
CA ARG B 139 -14.63 38.41 13.44
C ARG B 139 -13.47 38.04 14.36
N GLU B 140 -13.55 36.88 15.02
CA GLU B 140 -12.56 36.47 16.01
C GLU B 140 -11.51 35.51 15.46
N GLY B 141 -11.46 35.34 14.14
CA GLY B 141 -10.46 34.48 13.52
C GLY B 141 -10.81 33.01 13.44
N ASN B 142 -11.93 32.59 14.02
CA ASN B 142 -12.34 31.19 13.98
C ASN B 142 -13.14 30.94 12.70
N VAL B 143 -12.60 30.08 11.85
CA VAL B 143 -13.24 29.76 10.57
C VAL B 143 -14.44 28.85 10.84
N ARG B 144 -15.62 29.29 10.42
CA ARG B 144 -16.85 28.53 10.59
C ARG B 144 -17.55 28.39 9.23
N VAL B 145 -18.63 27.61 9.22
CA VAL B 145 -19.42 27.44 8.01
C VAL B 145 -20.40 28.60 7.90
N SER B 146 -20.58 29.10 6.68
CA SER B 146 -21.47 30.22 6.44
C SER B 146 -22.87 29.76 6.02
N ARG B 147 -22.95 29.01 4.93
CA ARG B 147 -24.23 28.53 4.42
C ARG B 147 -24.07 27.10 3.94
N GLU B 148 -24.99 26.23 4.36
CA GLU B 148 -25.01 24.84 3.94
C GLU B 148 -25.99 24.72 2.77
N LEU B 149 -25.47 24.75 1.56
CA LEU B 149 -26.30 24.69 0.35
C LEU B 149 -26.84 23.28 0.20
N ALA B 150 -28.10 23.09 0.60
CA ALA B 150 -28.76 21.79 0.51
C ALA B 150 -29.88 21.85 -0.52
N GLY B 151 -30.13 20.70 -1.15
CA GLY B 151 -31.13 20.62 -2.19
C GLY B 151 -30.75 19.68 -3.32
N HIS B 152 -29.46 19.37 -3.42
CA HIS B 152 -28.99 18.42 -4.41
C HIS B 152 -29.30 17.00 -3.97
N THR B 153 -29.64 16.15 -4.94
CA THR B 153 -29.95 14.74 -4.67
C THR B 153 -28.81 13.83 -5.10
N GLY B 154 -27.57 14.28 -4.94
CA GLY B 154 -26.42 13.49 -5.33
C GLY B 154 -25.15 14.09 -4.75
N TYR B 155 -24.06 13.34 -4.92
CA TYR B 155 -22.77 13.77 -4.41
C TYR B 155 -22.24 14.95 -5.22
N LEU B 156 -21.63 15.90 -4.52
CA LEU B 156 -21.01 17.05 -5.18
C LEU B 156 -19.70 16.63 -5.84
N SER B 157 -19.52 17.03 -7.10
CA SER B 157 -18.33 16.65 -7.86
C SER B 157 -17.39 17.81 -8.10
N CYS B 158 -17.90 19.00 -8.39
CA CYS B 158 -17.05 20.18 -8.58
C CYS B 158 -17.92 21.42 -8.45
N CYS B 159 -17.26 22.53 -8.09
CA CYS B 159 -17.95 23.81 -7.92
C CYS B 159 -16.94 24.94 -8.11
N ARG B 160 -17.44 26.07 -8.61
CA ARG B 160 -16.60 27.23 -8.86
C ARG B 160 -17.36 28.49 -8.47
N PHE B 161 -16.68 29.38 -7.75
CA PHE B 161 -17.29 30.63 -7.33
C PHE B 161 -17.46 31.58 -8.51
N LEU B 162 -18.50 32.41 -8.43
CA LEU B 162 -18.75 33.47 -9.41
C LEU B 162 -18.66 34.85 -8.79
N ASP B 163 -19.36 35.08 -7.69
CA ASP B 163 -19.31 36.34 -6.95
C ASP B 163 -19.32 36.01 -5.47
N ASP B 164 -19.54 37.04 -4.65
CA ASP B 164 -19.61 36.83 -3.20
C ASP B 164 -20.88 36.11 -2.77
N ASN B 165 -21.89 36.01 -3.63
CA ASN B 165 -23.13 35.35 -3.28
C ASN B 165 -23.64 34.38 -4.35
N GLN B 166 -22.88 34.14 -5.41
CA GLN B 166 -23.30 33.26 -6.49
C GLN B 166 -22.22 32.21 -6.73
N ILE B 167 -22.64 30.94 -6.79
CA ILE B 167 -21.72 29.82 -7.01
C ILE B 167 -22.47 28.72 -7.76
N VAL B 168 -21.82 28.14 -8.76
CA VAL B 168 -22.39 27.07 -9.55
C VAL B 168 -21.78 25.74 -9.09
N THR B 169 -22.64 24.79 -8.76
CA THR B 169 -22.21 23.47 -8.31
C THR B 169 -22.61 22.42 -9.33
N SER B 170 -21.86 21.31 -9.35
CA SER B 170 -22.11 20.18 -10.25
C SER B 170 -22.20 18.93 -9.38
N SER B 171 -23.43 18.50 -9.11
CA SER B 171 -23.68 17.36 -8.24
C SER B 171 -23.83 16.08 -9.06
N GLY B 172 -24.08 14.98 -8.37
CA GLY B 172 -24.25 13.68 -8.98
C GLY B 172 -25.64 13.36 -9.48
N ASP B 173 -26.55 14.33 -9.52
CA ASP B 173 -27.90 14.13 -10.02
C ASP B 173 -28.09 14.66 -11.44
N THR B 174 -27.01 14.72 -12.21
CA THR B 174 -27.00 15.18 -13.61
C THR B 174 -27.58 16.58 -13.77
N THR B 175 -27.57 17.39 -12.72
CA THR B 175 -28.08 18.75 -12.78
C THR B 175 -27.09 19.71 -12.12
N CYS B 176 -26.86 20.84 -12.78
CA CYS B 176 -26.05 21.91 -12.22
C CYS B 176 -26.98 23.04 -11.76
N ALA B 177 -26.68 23.59 -10.59
CA ALA B 177 -27.53 24.60 -9.99
C ALA B 177 -26.72 25.85 -9.66
N LEU B 178 -27.28 27.01 -10.00
CA LEU B 178 -26.69 28.30 -9.65
C LEU B 178 -27.26 28.71 -8.30
N TRP B 179 -26.48 28.49 -7.24
CA TRP B 179 -26.95 28.76 -5.89
C TRP B 179 -26.96 30.26 -5.60
N ASP B 180 -27.39 30.61 -4.40
CA ASP B 180 -27.43 32.01 -3.95
C ASP B 180 -27.11 32.01 -2.45
N ILE B 181 -25.87 32.39 -2.12
CA ILE B 181 -25.46 32.43 -0.72
C ILE B 181 -26.30 33.46 0.03
N GLU B 182 -26.40 33.27 1.35
CA GLU B 182 -27.20 34.06 2.28
C GLU B 182 -28.70 33.85 2.09
N THR B 183 -29.12 33.06 1.11
CA THR B 183 -30.53 32.73 0.90
C THR B 183 -30.78 31.24 0.90
N GLY B 184 -29.88 30.44 0.33
CA GLY B 184 -30.02 29.00 0.31
C GLY B 184 -30.95 28.45 -0.74
N GLN B 185 -31.52 29.31 -1.59
CA GLN B 185 -32.47 28.87 -2.61
C GLN B 185 -31.80 28.91 -3.97
N GLN B 186 -32.01 27.86 -4.76
CA GLN B 186 -31.46 27.81 -6.11
C GLN B 186 -32.14 28.82 -7.02
N THR B 187 -31.35 29.53 -7.80
CA THR B 187 -31.88 30.52 -8.74
C THR B 187 -32.13 29.93 -10.12
N THR B 188 -31.20 29.13 -10.62
CA THR B 188 -31.33 28.49 -11.93
C THR B 188 -30.70 27.10 -11.88
N THR B 189 -31.42 26.12 -12.41
CA THR B 189 -30.96 24.74 -12.44
C THR B 189 -30.71 24.34 -13.89
N PHE B 190 -29.50 23.87 -14.18
CA PHE B 190 -29.10 23.48 -15.53
C PHE B 190 -29.32 21.99 -15.70
N THR B 191 -30.34 21.62 -16.47
CA THR B 191 -30.68 20.23 -16.73
C THR B 191 -30.44 19.91 -18.19
N GLY B 192 -30.28 18.61 -18.48
CA GLY B 192 -30.07 18.16 -19.83
C GLY B 192 -29.08 17.01 -19.93
N HIS B 193 -28.25 16.85 -18.89
CA HIS B 193 -27.28 15.77 -18.85
C HIS B 193 -27.95 14.46 -18.44
N THR B 194 -27.51 13.36 -19.04
CA THR B 194 -27.95 12.02 -18.67
C THR B 194 -26.91 11.28 -17.85
N GLY B 195 -25.79 11.93 -17.52
CA GLY B 195 -24.75 11.32 -16.72
C GLY B 195 -24.26 12.27 -15.65
N ASP B 196 -23.50 11.71 -14.71
CA ASP B 196 -23.00 12.47 -13.59
C ASP B 196 -21.98 13.50 -14.06
N VAL B 197 -22.25 14.78 -13.78
CA VAL B 197 -21.33 15.85 -14.13
C VAL B 197 -20.16 15.81 -13.15
N MET B 198 -18.93 15.78 -13.69
CA MET B 198 -17.73 15.63 -12.88
C MET B 198 -17.03 16.95 -12.61
N SER B 199 -16.72 17.73 -13.65
CA SER B 199 -16.00 18.98 -13.50
C SER B 199 -16.54 20.01 -14.48
N LEU B 200 -16.37 21.28 -14.12
CA LEU B 200 -16.79 22.39 -14.96
C LEU B 200 -15.76 23.51 -14.85
N SER B 201 -15.70 24.33 -15.89
CA SER B 201 -14.79 25.46 -15.94
C SER B 201 -15.56 26.72 -16.31
N LEU B 202 -15.00 27.87 -15.93
CA LEU B 202 -15.65 29.17 -16.13
C LEU B 202 -14.84 29.98 -17.13
N ALA B 203 -15.54 30.61 -18.07
CA ALA B 203 -14.90 31.52 -19.00
C ALA B 203 -14.54 32.81 -18.28
N PRO B 204 -13.53 33.55 -18.77
CA PRO B 204 -13.14 34.80 -18.09
C PRO B 204 -14.11 35.94 -18.37
N ASP B 205 -15.41 35.66 -18.31
CA ASP B 205 -16.44 36.68 -18.46
C ASP B 205 -17.62 36.49 -17.51
N THR B 206 -17.65 35.41 -16.72
CA THR B 206 -18.73 35.14 -15.78
C THR B 206 -20.10 35.15 -16.48
N ARG B 207 -20.13 34.64 -17.70
CA ARG B 207 -21.38 34.60 -18.46
C ARG B 207 -21.63 33.20 -19.02
N LEU B 208 -20.55 32.46 -19.28
CA LEU B 208 -20.65 31.12 -19.86
C LEU B 208 -19.78 30.15 -19.09
N PHE B 209 -20.18 28.88 -19.10
CA PHE B 209 -19.41 27.82 -18.47
C PHE B 209 -19.79 26.49 -19.10
N VAL B 210 -18.80 25.61 -19.26
CA VAL B 210 -19.00 24.29 -19.85
C VAL B 210 -18.88 23.25 -18.75
N SER B 211 -19.70 22.20 -18.83
CA SER B 211 -19.71 21.13 -17.85
C SER B 211 -19.55 19.79 -18.57
N GLY B 212 -18.57 19.00 -18.14
CA GLY B 212 -18.33 17.68 -18.69
C GLY B 212 -18.87 16.61 -17.76
N ALA B 213 -19.76 15.78 -18.29
CA ALA B 213 -20.43 14.74 -17.52
C ALA B 213 -19.93 13.37 -17.96
N CYS B 214 -20.51 12.33 -17.34
CA CYS B 214 -20.14 10.95 -17.62
C CYS B 214 -20.88 10.36 -18.82
N ASP B 215 -21.47 11.21 -19.68
CA ASP B 215 -22.15 10.74 -20.88
C ASP B 215 -21.36 11.05 -22.15
N ALA B 216 -20.05 11.31 -22.02
CA ALA B 216 -19.16 11.55 -23.15
C ALA B 216 -19.63 12.74 -23.98
N SER B 217 -20.02 13.82 -23.30
CA SER B 217 -20.46 15.03 -23.97
C SER B 217 -20.33 16.21 -23.02
N ALA B 218 -19.89 17.35 -23.56
CA ALA B 218 -19.74 18.58 -22.79
C ALA B 218 -20.75 19.60 -23.33
N LYS B 219 -21.55 20.16 -22.42
CA LYS B 219 -22.61 21.09 -22.77
C LYS B 219 -22.21 22.50 -22.36
N LEU B 220 -22.39 23.45 -23.28
CA LEU B 220 -22.13 24.85 -23.00
C LEU B 220 -23.39 25.51 -22.44
N TRP B 221 -23.30 25.99 -21.20
CA TRP B 221 -24.44 26.57 -20.51
C TRP B 221 -24.33 28.10 -20.46
N ASP B 222 -25.46 28.74 -20.22
CA ASP B 222 -25.54 30.18 -20.05
C ASP B 222 -26.04 30.49 -18.65
N VAL B 223 -25.36 31.42 -17.97
CA VAL B 223 -25.70 31.70 -16.58
C VAL B 223 -26.99 32.50 -16.47
N ARG B 224 -27.22 33.42 -17.42
CA ARG B 224 -28.37 34.30 -17.32
C ARG B 224 -29.66 33.55 -17.66
N GLU B 225 -29.76 33.02 -18.89
CA GLU B 225 -31.00 32.38 -19.32
C GLU B 225 -31.15 30.98 -18.72
N GLY B 226 -30.05 30.24 -18.61
CA GLY B 226 -30.08 28.98 -17.88
C GLY B 226 -30.49 27.77 -18.68
N MET B 227 -29.82 27.53 -19.81
CA MET B 227 -30.03 26.30 -20.57
C MET B 227 -28.80 26.04 -21.42
N CYS B 228 -28.73 24.82 -21.97
CA CYS B 228 -27.58 24.39 -22.75
C CYS B 228 -27.57 25.12 -24.09
N ARG B 229 -26.59 26.01 -24.27
CA ARG B 229 -26.48 26.74 -25.54
C ARG B 229 -25.94 25.84 -26.64
N GLN B 230 -24.83 25.16 -26.39
CA GLN B 230 -24.22 24.28 -27.37
C GLN B 230 -23.81 22.98 -26.69
N THR B 231 -23.82 21.90 -27.46
CA THR B 231 -23.46 20.58 -26.98
C THR B 231 -22.25 20.09 -27.78
N PHE B 232 -21.18 19.75 -27.08
CA PHE B 232 -19.94 19.30 -27.70
C PHE B 232 -19.76 17.82 -27.41
N THR B 233 -19.67 17.01 -28.47
CA THR B 233 -19.48 15.58 -28.37
C THR B 233 -18.19 15.19 -29.09
N GLY B 234 -17.83 13.92 -28.96
CA GLY B 234 -16.62 13.41 -29.59
C GLY B 234 -15.85 12.44 -28.71
N HIS B 235 -16.02 12.56 -27.39
CA HIS B 235 -15.35 11.67 -26.47
C HIS B 235 -16.03 10.30 -26.46
N GLU B 236 -15.36 9.33 -25.84
CA GLU B 236 -15.83 7.95 -25.82
C GLU B 236 -16.10 7.40 -24.42
N SER B 237 -15.70 8.11 -23.37
CA SER B 237 -15.88 7.63 -22.01
C SER B 237 -16.30 8.80 -21.13
N ASP B 238 -16.26 8.59 -19.82
CA ASP B 238 -16.67 9.62 -18.88
C ASP B 238 -15.68 10.77 -18.88
N ILE B 239 -16.18 11.99 -18.99
CA ILE B 239 -15.34 13.18 -18.93
C ILE B 239 -15.05 13.51 -17.48
N ASN B 240 -13.77 13.61 -17.13
CA ASN B 240 -13.36 13.85 -15.76
C ASN B 240 -12.96 15.30 -15.49
N ALA B 241 -12.60 16.06 -16.52
CA ALA B 241 -12.18 17.44 -16.34
C ALA B 241 -12.44 18.23 -17.61
N ILE B 242 -12.35 19.56 -17.48
CA ILE B 242 -12.58 20.46 -18.59
C ILE B 242 -11.98 21.81 -18.23
N CYS B 243 -11.56 22.56 -19.23
CA CYS B 243 -10.94 23.86 -18.99
C CYS B 243 -11.07 24.72 -20.23
N PHE B 244 -11.24 26.02 -20.01
CA PHE B 244 -11.41 26.97 -21.11
C PHE B 244 -10.05 27.44 -21.63
N PHE B 245 -10.04 27.86 -22.90
CA PHE B 245 -8.88 28.54 -23.44
C PHE B 245 -8.83 29.97 -22.93
N PRO B 246 -7.64 30.54 -22.76
CA PRO B 246 -7.54 31.91 -22.22
C PRO B 246 -8.33 32.95 -23.00
N ASN B 247 -8.50 32.78 -24.32
CA ASN B 247 -9.25 33.77 -25.09
C ASN B 247 -10.75 33.60 -24.93
N GLY B 248 -11.21 32.44 -24.48
CA GLY B 248 -12.62 32.20 -24.25
C GLY B 248 -13.39 31.66 -25.43
N ASN B 249 -12.75 31.48 -26.59
CA ASN B 249 -13.42 30.97 -27.77
C ASN B 249 -13.14 29.49 -28.02
N ALA B 250 -12.47 28.81 -27.10
CA ALA B 250 -12.15 27.40 -27.27
C ALA B 250 -12.00 26.76 -25.89
N PHE B 251 -11.97 25.44 -25.88
CA PHE B 251 -11.80 24.69 -24.64
C PHE B 251 -11.38 23.26 -24.97
N ALA B 252 -10.65 22.65 -24.05
CA ALA B 252 -10.21 21.27 -24.18
C ALA B 252 -10.59 20.51 -22.91
N THR B 253 -10.78 19.19 -23.06
CA THR B 253 -11.21 18.36 -21.96
C THR B 253 -10.57 16.99 -22.07
N GLY B 254 -10.51 16.29 -20.94
CA GLY B 254 -9.98 14.94 -20.90
C GLY B 254 -11.01 13.94 -20.39
N SER B 255 -10.82 12.66 -20.71
CA SER B 255 -11.76 11.62 -20.32
C SER B 255 -10.98 10.39 -19.91
N ASP B 256 -11.70 9.28 -19.73
CA ASP B 256 -11.09 8.02 -19.33
C ASP B 256 -10.54 7.22 -20.51
N ASP B 257 -10.73 7.69 -21.74
CA ASP B 257 -10.22 7.02 -22.93
C ASP B 257 -8.79 7.42 -23.26
N ALA B 258 -8.10 8.11 -22.36
CA ALA B 258 -6.71 8.53 -22.55
C ALA B 258 -6.54 9.45 -23.75
N THR B 259 -7.57 10.24 -24.07
CA THR B 259 -7.52 11.20 -25.16
C THR B 259 -7.99 12.57 -24.66
N CYS B 260 -7.35 13.61 -25.15
CA CYS B 260 -7.71 14.99 -24.86
C CYS B 260 -8.07 15.69 -26.15
N ARG B 261 -9.31 16.17 -26.24
CA ARG B 261 -9.82 16.82 -27.45
C ARG B 261 -10.06 18.30 -27.17
N LEU B 262 -9.63 19.14 -28.10
CA LEU B 262 -9.80 20.58 -28.00
C LEU B 262 -10.96 21.01 -28.92
N PHE B 263 -11.98 21.61 -28.33
CA PHE B 263 -13.16 22.05 -29.06
C PHE B 263 -13.16 23.57 -29.19
N ASP B 264 -13.94 24.06 -30.14
CA ASP B 264 -14.08 25.49 -30.39
C ASP B 264 -15.55 25.88 -30.24
N LEU B 265 -15.80 26.94 -29.48
CA LEU B 265 -17.18 27.38 -29.25
C LEU B 265 -17.80 27.93 -30.52
N ARG B 266 -17.05 28.74 -31.27
CA ARG B 266 -17.59 29.34 -32.49
C ARG B 266 -17.72 28.32 -33.61
N ALA B 267 -16.77 27.40 -33.72
CA ALA B 267 -16.83 26.38 -34.75
C ALA B 267 -17.74 25.22 -34.38
N ASP B 268 -18.03 25.04 -33.09
CA ASP B 268 -18.92 23.98 -32.62
C ASP B 268 -18.42 22.60 -33.04
N GLN B 269 -17.11 22.39 -32.97
CA GLN B 269 -16.51 21.11 -33.33
C GLN B 269 -15.12 21.04 -32.74
N GLU B 270 -14.59 19.82 -32.69
CA GLU B 270 -13.23 19.59 -32.21
C GLU B 270 -12.21 20.01 -33.27
N LEU B 271 -11.01 20.35 -32.80
CA LEU B 271 -9.93 20.79 -33.67
C LEU B 271 -8.75 19.83 -33.68
N MET B 272 -8.32 19.35 -32.52
CA MET B 272 -7.18 18.46 -32.45
C MET B 272 -7.36 17.52 -31.27
N THR B 273 -6.71 16.35 -31.37
CA THR B 273 -6.74 15.34 -30.33
C THR B 273 -5.33 15.14 -29.79
N TYR B 274 -5.20 15.17 -28.46
CA TYR B 274 -3.91 15.03 -27.79
C TYR B 274 -3.90 13.68 -27.07
N SER B 275 -3.22 12.70 -27.65
CA SER B 275 -3.13 11.37 -27.07
C SER B 275 -1.89 10.67 -27.59
N HIS B 276 -1.53 9.58 -26.93
CA HIS B 276 -0.37 8.79 -27.31
C HIS B 276 -0.75 7.32 -27.36
N ASP B 277 0.17 6.51 -27.93
CA ASP B 277 -0.11 5.09 -28.11
C ASP B 277 -0.05 4.33 -26.79
N ASN B 278 1.03 4.52 -26.04
CA ASN B 278 1.25 3.77 -24.79
C ASN B 278 0.61 4.42 -23.58
N ILE B 279 -0.40 5.27 -23.79
CA ILE B 279 -1.15 5.89 -22.71
C ILE B 279 -2.53 5.25 -22.65
N ILE B 280 -2.81 4.56 -21.54
CA ILE B 280 -4.07 3.85 -21.37
C ILE B 280 -4.87 4.50 -20.25
N CYS B 281 -4.16 5.12 -19.30
CA CYS B 281 -4.81 5.73 -18.14
C CYS B 281 -5.63 6.95 -18.56
N GLY B 282 -6.73 7.17 -17.84
CA GLY B 282 -7.61 8.28 -18.15
C GLY B 282 -7.12 9.58 -17.55
N ILE B 283 -7.54 10.68 -18.17
CA ILE B 283 -7.15 12.02 -17.72
C ILE B 283 -7.99 12.39 -16.51
N THR B 284 -7.34 12.95 -15.49
CA THR B 284 -8.02 13.38 -14.27
C THR B 284 -8.24 14.88 -14.22
N SER B 285 -7.25 15.68 -14.61
CA SER B 285 -7.36 17.13 -14.59
C SER B 285 -6.60 17.73 -15.76
N VAL B 286 -7.11 18.86 -16.27
CA VAL B 286 -6.50 19.57 -17.38
C VAL B 286 -6.34 21.03 -17.01
N SER B 287 -5.42 21.70 -17.70
CA SER B 287 -5.18 23.12 -17.47
C SER B 287 -4.47 23.70 -18.69
N PHE B 288 -4.54 25.03 -18.81
CA PHE B 288 -3.95 25.76 -19.90
C PHE B 288 -2.97 26.80 -19.37
N SER B 289 -1.98 27.13 -20.20
CA SER B 289 -1.03 28.19 -19.88
C SER B 289 -1.66 29.55 -20.14
N LYS B 290 -0.91 30.62 -19.85
CA LYS B 290 -1.41 31.97 -20.08
C LYS B 290 -1.57 32.24 -21.57
N SER B 291 -0.56 31.91 -22.37
CA SER B 291 -0.65 32.09 -23.82
C SER B 291 -1.50 31.01 -24.48
N GLY B 292 -1.73 29.88 -23.80
CA GLY B 292 -2.50 28.79 -24.37
C GLY B 292 -1.70 27.82 -25.21
N ARG B 293 -0.39 28.01 -25.34
CA ARG B 293 0.41 27.11 -26.16
C ARG B 293 0.63 25.76 -25.50
N LEU B 294 0.76 25.73 -24.17
CA LEU B 294 1.03 24.51 -23.43
C LEU B 294 -0.26 23.97 -22.84
N LEU B 295 -0.45 22.65 -22.94
CA LEU B 295 -1.61 21.96 -22.38
C LEU B 295 -1.13 20.90 -21.41
N LEU B 296 -1.44 21.05 -20.13
CA LEU B 296 -1.05 20.12 -19.09
C LEU B 296 -2.27 19.29 -18.69
N ALA B 297 -2.11 17.96 -18.72
CA ALA B 297 -3.19 17.04 -18.40
C ALA B 297 -2.67 15.96 -17.46
N GLY B 298 -3.38 15.74 -16.36
CA GLY B 298 -3.01 14.68 -15.45
C GLY B 298 -3.42 13.31 -15.95
N TYR B 299 -2.85 12.28 -15.33
CA TYR B 299 -3.11 10.91 -15.74
C TYR B 299 -3.06 10.01 -14.51
N ASP B 300 -3.57 8.79 -14.67
CA ASP B 300 -3.62 7.82 -13.58
C ASP B 300 -2.35 6.99 -13.45
N ASP B 301 -1.38 7.18 -14.33
CA ASP B 301 -0.12 6.43 -14.27
C ASP B 301 0.92 7.09 -13.37
N PHE B 302 0.48 7.90 -12.42
CA PHE B 302 1.27 8.54 -11.35
C PHE B 302 2.05 9.74 -11.85
N ASN B 303 1.91 10.15 -13.11
CA ASN B 303 2.61 11.32 -13.61
C ASN B 303 1.71 12.09 -14.57
N CYS B 304 2.06 13.35 -14.80
CA CYS B 304 1.34 14.23 -15.69
C CYS B 304 2.10 14.36 -17.01
N ASN B 305 1.57 15.18 -17.92
CA ASN B 305 2.18 15.38 -19.22
C ASN B 305 1.93 16.82 -19.67
N VAL B 306 2.78 17.27 -20.61
CA VAL B 306 2.66 18.60 -21.20
C VAL B 306 2.51 18.43 -22.70
N TRP B 307 1.47 19.03 -23.26
CA TRP B 307 1.15 18.89 -24.68
C TRP B 307 1.16 20.25 -25.36
N ASP B 308 1.65 20.29 -26.59
CA ASP B 308 1.61 21.50 -27.40
C ASP B 308 0.20 21.63 -27.99
N ALA B 309 -0.51 22.69 -27.57
CA ALA B 309 -1.91 22.85 -27.95
C ALA B 309 -2.08 23.21 -29.43
N LEU B 310 -1.00 23.46 -30.16
CA LEU B 310 -1.09 23.82 -31.56
C LEU B 310 -0.55 22.77 -32.52
N LYS B 311 0.30 21.86 -32.04
CA LYS B 311 0.90 20.84 -32.90
C LYS B 311 0.79 19.43 -32.35
N ALA B 312 0.26 19.26 -31.14
CA ALA B 312 0.07 17.95 -30.51
C ALA B 312 1.40 17.21 -30.33
N ASP B 313 2.41 17.92 -29.85
CA ASP B 313 3.69 17.33 -29.48
C ASP B 313 3.84 17.37 -27.97
N ARG B 314 4.31 16.27 -27.40
CA ARG B 314 4.54 16.17 -25.96
C ARG B 314 5.85 16.88 -25.63
N ALA B 315 5.76 18.09 -25.06
CA ALA B 315 6.94 18.89 -24.77
C ALA B 315 7.67 18.44 -23.51
N GLY B 316 7.05 17.60 -22.67
CA GLY B 316 7.70 17.15 -21.46
C GLY B 316 6.80 16.31 -20.58
N VAL B 317 7.41 15.48 -19.73
CA VAL B 317 6.68 14.61 -18.81
C VAL B 317 7.07 15.00 -17.39
N LEU B 318 6.07 15.29 -16.57
CA LEU B 318 6.29 15.66 -15.18
C LEU B 318 5.93 14.45 -14.31
N ALA B 319 6.94 13.88 -13.66
CA ALA B 319 6.80 12.62 -12.92
C ALA B 319 7.33 12.77 -11.50
N GLY B 320 6.89 13.83 -10.82
CA GLY B 320 7.35 14.07 -9.46
C GLY B 320 6.53 13.35 -8.41
N HIS B 321 5.30 12.98 -8.74
CA HIS B 321 4.40 12.36 -7.78
C HIS B 321 4.58 10.84 -7.74
N ASP B 322 4.11 10.24 -6.66
CA ASP B 322 4.18 8.80 -6.45
C ASP B 322 2.86 8.09 -6.70
N ASN B 323 1.74 8.71 -6.37
CA ASN B 323 0.41 8.16 -6.57
C ASN B 323 -0.27 8.89 -7.74
N ARG B 324 -1.48 8.43 -8.06
CA ARG B 324 -2.22 9.00 -9.18
C ARG B 324 -2.63 10.43 -8.88
N VAL B 325 -2.39 11.33 -9.82
CA VAL B 325 -2.76 12.73 -9.65
C VAL B 325 -4.26 12.89 -9.84
N SER B 326 -4.85 13.79 -9.06
CA SER B 326 -6.28 14.04 -9.12
C SER B 326 -6.64 15.48 -9.39
N CYS B 327 -5.68 16.40 -9.36
CA CYS B 327 -5.96 17.82 -9.58
C CYS B 327 -4.66 18.53 -9.92
N LEU B 328 -4.76 19.50 -10.84
CA LEU B 328 -3.64 20.36 -11.18
C LEU B 328 -4.19 21.64 -11.78
N GLY B 329 -3.39 22.70 -11.69
CA GLY B 329 -3.82 23.98 -12.20
C GLY B 329 -2.70 25.00 -12.36
N VAL B 330 -2.72 25.73 -13.46
CA VAL B 330 -1.74 26.78 -13.70
C VAL B 330 -2.18 28.04 -12.97
N THR B 331 -1.21 28.82 -12.51
CA THR B 331 -1.49 30.02 -11.75
C THR B 331 -2.23 31.05 -12.61
N ASP B 332 -2.76 32.09 -11.95
CA ASP B 332 -3.45 33.15 -12.67
C ASP B 332 -2.50 33.92 -13.57
N ASP B 333 -1.22 34.01 -13.19
CA ASP B 333 -0.21 34.65 -14.02
C ASP B 333 0.63 33.65 -14.81
N GLY B 334 0.37 32.36 -14.65
CA GLY B 334 1.09 31.34 -15.39
C GLY B 334 2.53 31.12 -14.99
N MET B 335 2.93 31.63 -13.82
CA MET B 335 4.32 31.49 -13.41
C MET B 335 4.67 30.05 -13.03
N ALA B 336 3.72 29.32 -12.45
CA ALA B 336 3.95 27.94 -12.03
C ALA B 336 2.64 27.17 -12.11
N VAL B 337 2.73 25.86 -11.90
CA VAL B 337 1.59 24.96 -11.94
C VAL B 337 1.71 23.98 -10.78
N ALA B 338 0.65 23.84 -10.00
CA ALA B 338 0.61 22.90 -8.90
C ALA B 338 -0.02 21.59 -9.34
N THR B 339 0.18 20.56 -8.52
CA THR B 339 -0.34 19.23 -8.84
C THR B 339 -0.52 18.44 -7.55
N GLY B 340 -1.72 17.91 -7.35
CA GLY B 340 -2.02 17.11 -6.17
C GLY B 340 -2.37 15.69 -6.57
N SER B 341 -1.90 14.73 -5.77
CA SER B 341 -2.14 13.32 -6.05
C SER B 341 -2.75 12.62 -4.85
N TRP B 342 -2.95 11.30 -4.96
CA TRP B 342 -3.56 10.52 -3.88
C TRP B 342 -2.58 10.16 -2.78
N ASP B 343 -1.33 10.58 -2.87
CA ASP B 343 -0.34 10.31 -1.84
C ASP B 343 -0.31 11.39 -0.76
N SER B 344 -1.40 12.17 -0.63
CA SER B 344 -1.51 13.25 0.35
C SER B 344 -0.36 14.25 0.24
N PHE B 345 0.21 14.41 -0.96
CA PHE B 345 1.34 15.29 -1.19
C PHE B 345 1.00 16.27 -2.30
N LEU B 346 1.26 17.55 -2.05
CA LEU B 346 1.09 18.61 -3.03
C LEU B 346 2.45 19.15 -3.44
N LYS B 347 2.61 19.42 -4.73
CA LYS B 347 3.89 19.89 -5.27
C LYS B 347 3.65 21.07 -6.19
N ILE B 348 4.66 21.94 -6.27
CA ILE B 348 4.65 23.11 -7.14
C ILE B 348 5.69 22.89 -8.23
N TRP B 349 5.26 22.95 -9.48
CA TRP B 349 6.12 22.68 -10.62
C TRP B 349 6.31 23.95 -11.45
N ASN B 350 7.54 24.23 -11.82
CA ASN B 350 7.86 25.41 -12.62
C ASN B 350 9.10 25.17 -13.48
N SER C 8 -42.42 10.44 -19.32
CA SER C 8 -42.66 9.49 -20.40
C SER C 8 -42.32 10.08 -21.76
N ILE C 9 -43.24 10.90 -22.29
CA ILE C 9 -43.03 11.54 -23.58
C ILE C 9 -42.54 12.97 -23.46
N ALA C 10 -42.51 13.54 -22.25
CA ALA C 10 -42.03 14.91 -22.08
C ALA C 10 -40.53 15.01 -22.28
N GLN C 11 -39.78 13.95 -21.94
CA GLN C 11 -38.34 13.98 -22.10
C GLN C 11 -37.95 13.97 -23.57
N ALA C 12 -38.67 13.20 -24.39
CA ALA C 12 -38.37 13.17 -25.82
C ALA C 12 -38.67 14.50 -26.49
N ARG C 13 -39.79 15.13 -26.12
CA ARG C 13 -40.12 16.43 -26.70
C ARG C 13 -39.18 17.53 -26.21
N LYS C 14 -38.73 17.43 -24.95
CA LYS C 14 -37.79 18.42 -24.43
C LYS C 14 -36.44 18.32 -25.14
N LEU C 15 -36.02 17.11 -25.50
CA LEU C 15 -34.75 16.95 -26.19
C LEU C 15 -34.82 17.46 -27.62
N VAL C 16 -35.98 17.34 -28.27
CA VAL C 16 -36.13 17.87 -29.62
C VAL C 16 -36.13 19.39 -29.60
N GLU C 17 -36.81 19.99 -28.62
CA GLU C 17 -36.81 21.44 -28.50
C GLU C 17 -35.42 21.99 -28.22
N GLN C 18 -34.63 21.26 -27.41
CA GLN C 18 -33.27 21.68 -27.14
C GLN C 18 -32.37 21.48 -28.35
N LEU C 19 -32.61 20.41 -29.12
CA LEU C 19 -31.77 20.14 -30.29
C LEU C 19 -32.06 21.13 -31.42
N LYS C 20 -33.31 21.56 -31.55
CA LYS C 20 -33.64 22.54 -32.58
C LYS C 20 -33.06 23.91 -32.23
N MET C 21 -32.98 24.24 -30.94
CA MET C 21 -32.41 25.51 -30.53
C MET C 21 -30.92 25.59 -30.83
N GLU C 22 -30.22 24.45 -30.71
CA GLU C 22 -28.80 24.39 -31.01
C GLU C 22 -28.51 24.27 -32.50
N ALA C 23 -29.52 24.05 -33.34
CA ALA C 23 -29.29 23.90 -34.76
C ALA C 23 -29.05 25.25 -35.44
N ASN C 24 -29.92 26.22 -35.17
CA ASN C 24 -29.84 27.53 -35.82
C ASN C 24 -28.84 28.42 -35.08
N ILE C 25 -27.56 28.13 -35.28
CA ILE C 25 -26.48 28.92 -34.72
C ILE C 25 -25.47 29.21 -35.82
N ASP C 26 -24.76 30.33 -35.67
CA ASP C 26 -23.77 30.75 -36.65
C ASP C 26 -22.42 30.15 -36.31
N ARG C 27 -21.87 29.37 -37.24
CA ARG C 27 -20.57 28.73 -37.07
C ARG C 27 -19.63 29.21 -38.16
N ILE C 28 -18.37 29.42 -37.78
CA ILE C 28 -17.37 29.94 -38.68
C ILE C 28 -16.50 28.79 -39.19
N LYS C 29 -15.71 29.07 -40.23
CA LYS C 29 -14.80 28.06 -40.78
C LYS C 29 -13.71 27.74 -39.77
N VAL C 30 -13.13 26.54 -39.91
CA VAL C 30 -12.03 26.16 -39.03
C VAL C 30 -10.79 26.97 -39.34
N SER C 31 -10.62 27.40 -40.59
CA SER C 31 -9.45 28.20 -40.96
C SER C 31 -9.39 29.51 -40.19
N LYS C 32 -10.54 30.15 -40.00
CA LYS C 32 -10.58 31.38 -39.20
C LYS C 32 -10.34 31.09 -37.73
N ALA C 33 -10.89 29.98 -37.22
CA ALA C 33 -10.68 29.61 -35.83
C ALA C 33 -9.24 29.18 -35.59
N ALA C 34 -8.61 28.54 -36.59
CA ALA C 34 -7.22 28.14 -36.45
C ALA C 34 -6.31 29.36 -36.43
N ALA C 35 -6.62 30.38 -37.23
CA ALA C 35 -5.80 31.58 -37.25
C ALA C 35 -5.97 32.40 -35.98
N ASP C 36 -7.16 32.38 -35.39
CA ASP C 36 -7.39 33.15 -34.17
C ASP C 36 -6.64 32.54 -32.99
N LEU C 37 -6.67 31.22 -32.86
CA LEU C 37 -5.94 30.56 -31.78
C LEU C 37 -4.43 30.68 -31.98
N MET C 38 -3.98 30.62 -33.24
CA MET C 38 -2.56 30.78 -33.51
C MET C 38 -2.08 32.20 -33.22
N ALA C 39 -2.91 33.20 -33.53
CA ALA C 39 -2.53 34.58 -33.26
C ALA C 39 -2.50 34.87 -31.77
N TYR C 40 -3.47 34.32 -31.01
CA TYR C 40 -3.50 34.54 -29.58
C TYR C 40 -2.34 33.87 -28.87
N CYS C 41 -1.89 32.72 -29.38
CA CYS C 41 -0.76 32.01 -28.77
C CYS C 41 0.57 32.62 -29.14
N GLU C 42 0.65 33.37 -30.25
CA GLU C 42 1.88 34.01 -30.66
C GLU C 42 2.00 35.46 -30.17
N ALA C 43 0.89 36.10 -29.84
CA ALA C 43 0.91 37.46 -29.33
C ALA C 43 1.10 37.52 -27.81
N HIS C 44 1.10 36.36 -27.14
CA HIS C 44 1.29 36.30 -25.69
C HIS C 44 2.48 35.42 -25.31
N ALA C 45 3.44 35.25 -26.23
CA ALA C 45 4.61 34.44 -25.92
C ALA C 45 5.46 35.07 -24.81
N LYS C 46 5.52 36.41 -24.79
CA LYS C 46 6.27 37.09 -23.74
C LYS C 46 5.61 36.97 -22.38
N GLU C 47 4.29 36.80 -22.34
CA GLU C 47 3.55 36.66 -21.09
C GLU C 47 3.45 35.21 -20.62
N ASP C 48 4.17 34.29 -21.27
CA ASP C 48 4.13 32.88 -20.91
C ASP C 48 5.40 32.52 -20.16
N PRO C 49 5.35 32.39 -18.82
CA PRO C 49 6.55 31.97 -18.09
C PRO C 49 6.90 30.50 -18.28
N LEU C 50 6.01 29.70 -18.88
CA LEU C 50 6.28 28.30 -19.11
C LEU C 50 6.83 28.02 -20.50
N LEU C 51 6.60 28.91 -21.47
CA LEU C 51 7.15 28.72 -22.81
C LEU C 51 8.67 28.82 -22.79
N THR C 52 9.21 29.79 -22.06
CA THR C 52 10.64 29.96 -21.91
C THR C 52 11.00 30.06 -20.43
N PRO C 53 12.11 29.48 -20.01
CA PRO C 53 12.48 29.54 -18.58
C PRO C 53 12.75 30.97 -18.15
N VAL C 54 12.04 31.39 -17.11
CA VAL C 54 12.25 32.73 -16.55
C VAL C 54 13.62 32.78 -15.87
N PRO C 55 14.36 33.89 -15.98
CA PRO C 55 15.65 33.98 -15.30
C PRO C 55 15.49 33.85 -13.79
N ALA C 56 16.54 33.33 -13.15
CA ALA C 56 16.52 33.10 -11.71
C ALA C 56 16.50 34.43 -10.95
N SER C 57 16.38 34.32 -9.62
CA SER C 57 16.33 35.45 -8.70
C SER C 57 15.12 36.35 -8.92
N GLU C 58 14.18 35.92 -9.76
CA GLU C 58 12.96 36.69 -10.02
C GLU C 58 11.70 35.97 -9.55
N ASN C 59 11.54 34.71 -9.88
CA ASN C 59 10.38 33.96 -9.45
C ASN C 59 10.53 33.54 -7.99
N PRO C 60 9.48 33.63 -7.18
CA PRO C 60 9.57 33.22 -5.77
C PRO C 60 9.69 31.71 -5.58
N PHE C 61 9.73 30.93 -6.66
CA PHE C 61 9.87 29.48 -6.57
C PHE C 61 11.32 29.04 -6.76
N ARG C 62 12.27 29.84 -6.31
CA ARG C 62 13.69 29.51 -6.45
C ARG C 62 14.05 28.26 -5.66
N GLN D 1 -19.46 10.97 -30.38
CA GLN D 1 -20.85 10.63 -30.14
C GLN D 1 -21.06 9.12 -30.11
N VAL D 2 -21.25 8.57 -28.91
CA VAL D 2 -21.47 7.15 -28.76
C VAL D 2 -22.90 6.82 -29.16
N GLN D 3 -23.05 5.88 -30.10
CA GLN D 3 -24.35 5.47 -30.60
C GLN D 3 -24.42 3.95 -30.63
N LEU D 4 -25.48 3.40 -30.04
CA LEU D 4 -25.69 1.95 -29.97
C LEU D 4 -27.09 1.66 -30.47
N GLN D 5 -27.20 0.99 -31.62
CA GLN D 5 -28.47 0.64 -32.22
C GLN D 5 -28.64 -0.87 -32.22
N GLU D 6 -29.77 -1.33 -31.69
CA GLU D 6 -30.09 -2.75 -31.61
C GLU D 6 -30.98 -3.15 -32.76
N SER D 7 -30.76 -4.36 -33.28
CA SER D 7 -31.52 -4.89 -34.41
C SER D 7 -32.17 -6.21 -34.01
N GLY D 8 -33.23 -6.56 -34.73
CA GLY D 8 -33.94 -7.79 -34.47
C GLY D 8 -34.98 -7.65 -33.37
N GLY D 9 -35.57 -8.78 -33.03
CA GLY D 9 -36.58 -8.81 -31.97
C GLY D 9 -37.98 -8.62 -32.50
N GLY D 10 -38.93 -9.20 -31.78
CA GLY D 10 -40.33 -9.11 -32.15
C GLY D 10 -41.09 -10.29 -31.60
N LEU D 11 -42.27 -10.52 -32.18
CA LEU D 11 -43.12 -11.62 -31.77
C LEU D 11 -42.53 -12.95 -32.26
N VAL D 12 -42.19 -13.83 -31.32
CA VAL D 12 -41.62 -15.13 -31.62
C VAL D 12 -42.41 -16.19 -30.87
N GLN D 13 -42.54 -17.37 -31.48
CA GLN D 13 -43.27 -18.45 -30.83
C GLN D 13 -42.44 -19.06 -29.71
N PRO D 14 -43.09 -19.60 -28.68
CA PRO D 14 -42.33 -20.26 -27.61
C PRO D 14 -41.57 -21.47 -28.13
N GLY D 15 -40.33 -21.61 -27.70
CA GLY D 15 -39.48 -22.69 -28.16
C GLY D 15 -38.77 -22.43 -29.46
N GLY D 16 -38.85 -21.23 -30.00
CA GLY D 16 -38.20 -20.87 -31.25
C GLY D 16 -36.81 -20.32 -31.05
N SER D 17 -36.37 -19.50 -32.01
CA SER D 17 -35.05 -18.89 -31.95
C SER D 17 -35.16 -17.43 -32.35
N LEU D 18 -34.21 -16.63 -31.87
CA LEU D 18 -34.17 -15.21 -32.17
C LEU D 18 -32.72 -14.73 -32.07
N ARG D 19 -32.42 -13.66 -32.81
CA ARG D 19 -31.08 -13.10 -32.83
C ARG D 19 -31.16 -11.58 -32.76
N LEU D 20 -30.31 -10.98 -31.94
CA LEU D 20 -30.23 -9.54 -31.78
C LEU D 20 -28.85 -9.05 -32.22
N SER D 21 -28.82 -8.02 -33.05
CA SER D 21 -27.59 -7.42 -33.53
C SER D 21 -27.46 -6.01 -32.95
N CYS D 22 -26.30 -5.72 -32.36
CA CYS D 22 -26.03 -4.43 -31.72
C CYS D 22 -24.92 -3.73 -32.51
N ALA D 23 -25.31 -2.78 -33.36
CA ALA D 23 -24.33 -2.00 -34.12
C ALA D 23 -23.79 -0.89 -33.24
N ALA D 24 -22.46 -0.74 -33.23
CA ALA D 24 -21.80 0.25 -32.41
C ALA D 24 -21.07 1.27 -33.28
N SER D 25 -21.00 2.50 -32.79
CA SER D 25 -20.31 3.56 -33.51
C SER D 25 -19.90 4.63 -32.50
N GLY D 26 -18.93 5.46 -32.91
CA GLY D 26 -18.44 6.53 -32.08
C GLY D 26 -17.33 6.17 -31.12
N PHE D 27 -16.88 4.92 -31.12
CA PHE D 27 -15.81 4.49 -30.22
C PHE D 27 -15.15 3.26 -30.82
N THR D 28 -13.99 2.90 -30.25
CA THR D 28 -13.25 1.74 -30.69
C THR D 28 -13.82 0.49 -30.02
N PHE D 29 -14.35 -0.43 -30.83
CA PHE D 29 -14.99 -1.62 -30.28
C PHE D 29 -14.00 -2.59 -29.65
N SER D 30 -12.72 -2.50 -30.01
CA SER D 30 -11.70 -3.41 -29.51
C SER D 30 -11.04 -2.92 -28.22
N ASN D 31 -11.71 -2.04 -27.46
CA ASN D 31 -11.15 -1.51 -26.23
C ASN D 31 -12.12 -1.52 -25.06
N TYR D 32 -13.42 -1.71 -25.28
CA TYR D 32 -14.42 -1.61 -24.24
C TYR D 32 -15.13 -2.95 -24.06
N LYS D 33 -15.36 -3.31 -22.80
CA LYS D 33 -16.09 -4.54 -22.50
C LYS D 33 -17.59 -4.32 -22.68
N MET D 34 -18.24 -5.25 -23.37
CA MET D 34 -19.65 -5.14 -23.70
C MET D 34 -20.48 -6.02 -22.78
N ASN D 35 -21.73 -5.62 -22.56
CA ASN D 35 -22.64 -6.32 -21.67
C ASN D 35 -24.01 -6.43 -22.32
N TRP D 36 -24.91 -7.15 -21.64
CA TRP D 36 -26.30 -7.25 -22.03
C TRP D 36 -27.16 -7.05 -20.78
N VAL D 37 -28.32 -6.40 -20.96
CA VAL D 37 -29.21 -6.12 -19.85
C VAL D 37 -30.64 -6.11 -20.38
N ARG D 38 -31.57 -6.64 -19.58
CA ARG D 38 -32.97 -6.71 -19.94
C ARG D 38 -33.81 -6.03 -18.87
N GLN D 39 -35.02 -5.63 -19.24
CA GLN D 39 -35.95 -4.96 -18.33
C GLN D 39 -37.31 -5.65 -18.46
N ALA D 40 -37.64 -6.50 -17.49
CA ALA D 40 -38.92 -7.19 -17.50
C ALA D 40 -40.06 -6.18 -17.31
N PRO D 41 -41.23 -6.47 -17.87
CA PRO D 41 -42.37 -5.54 -17.72
C PRO D 41 -42.77 -5.41 -16.25
N GLY D 42 -42.85 -4.17 -15.79
CA GLY D 42 -43.21 -3.90 -14.41
C GLY D 42 -42.16 -4.31 -13.40
N LYS D 43 -40.92 -4.54 -13.84
CA LYS D 43 -39.84 -4.92 -12.96
C LYS D 43 -38.58 -4.15 -13.34
N GLY D 44 -37.60 -4.17 -12.44
CA GLY D 44 -36.35 -3.49 -12.68
C GLY D 44 -35.50 -4.17 -13.73
N LEU D 45 -34.38 -3.52 -14.05
CA LEU D 45 -33.46 -4.06 -15.05
C LEU D 45 -32.75 -5.30 -14.51
N GLU D 46 -32.45 -6.21 -15.43
CA GLU D 46 -31.79 -7.47 -15.09
C GLU D 46 -30.64 -7.72 -16.06
N TRP D 47 -29.47 -8.04 -15.52
CA TRP D 47 -28.32 -8.37 -16.34
C TRP D 47 -28.51 -9.72 -17.02
N VAL D 48 -28.02 -9.82 -18.25
CA VAL D 48 -28.20 -11.04 -19.04
C VAL D 48 -26.85 -11.72 -19.27
N SER D 49 -25.94 -11.03 -19.96
CA SER D 49 -24.65 -11.61 -20.30
C SER D 49 -23.63 -10.50 -20.49
N ASP D 50 -22.38 -10.90 -20.67
CA ASP D 50 -21.30 -9.98 -20.97
C ASP D 50 -20.20 -10.75 -21.70
N ILE D 51 -19.41 -10.01 -22.48
CA ILE D 51 -18.34 -10.59 -23.28
C ILE D 51 -17.08 -9.76 -23.07
N SER D 52 -15.93 -10.43 -23.07
CA SER D 52 -14.65 -9.78 -22.79
C SER D 52 -14.16 -9.04 -24.03
N GLN D 53 -12.90 -8.59 -23.99
CA GLN D 53 -12.35 -7.84 -25.12
C GLN D 53 -12.23 -8.71 -26.36
N SER D 54 -11.61 -9.88 -26.23
CA SER D 54 -11.42 -10.80 -27.34
C SER D 54 -12.41 -11.97 -27.32
N GLY D 55 -13.45 -11.89 -26.50
CA GLY D 55 -14.41 -12.97 -26.42
C GLY D 55 -13.95 -14.18 -25.66
N ALA D 56 -12.96 -14.03 -24.77
CA ALA D 56 -12.47 -15.16 -24.00
C ALA D 56 -13.30 -15.37 -22.74
N SER D 57 -13.40 -14.34 -21.89
CA SER D 57 -14.16 -14.43 -20.65
C SER D 57 -15.64 -14.20 -20.97
N ILE D 58 -16.42 -15.29 -20.97
CA ILE D 58 -17.84 -15.24 -21.25
C ILE D 58 -18.59 -15.69 -20.00
N SER D 59 -19.60 -14.93 -19.60
CA SER D 59 -20.40 -15.25 -18.44
C SER D 59 -21.86 -14.93 -18.71
N TYR D 60 -22.75 -15.81 -18.28
CA TYR D 60 -24.19 -15.64 -18.43
C TYR D 60 -24.85 -15.65 -17.06
N THR D 61 -26.06 -15.11 -17.01
CA THR D 61 -26.85 -15.19 -15.80
C THR D 61 -27.46 -16.59 -15.67
N GLY D 62 -27.85 -16.94 -14.44
CA GLY D 62 -28.34 -18.27 -14.18
C GLY D 62 -29.61 -18.62 -14.93
N SER D 63 -30.43 -17.62 -15.23
CA SER D 63 -31.71 -17.87 -15.89
C SER D 63 -31.51 -18.38 -17.32
N VAL D 64 -30.53 -17.84 -18.04
CA VAL D 64 -30.31 -18.18 -19.43
C VAL D 64 -28.90 -18.72 -19.67
N LYS D 65 -28.27 -19.26 -18.63
CA LYS D 65 -26.91 -19.80 -18.78
C LYS D 65 -26.93 -21.02 -19.69
N GLY D 66 -26.11 -21.00 -20.73
CA GLY D 66 -26.04 -22.09 -21.67
C GLY D 66 -27.10 -22.02 -22.76
N ARG D 67 -28.21 -21.36 -22.45
CA ARG D 67 -29.30 -21.25 -23.43
C ARG D 67 -28.97 -20.23 -24.51
N PHE D 68 -28.43 -19.08 -24.14
CA PHE D 68 -28.10 -18.04 -25.09
C PHE D 68 -26.66 -18.18 -25.59
N THR D 69 -26.33 -17.39 -26.59
CA THR D 69 -24.99 -17.38 -27.18
C THR D 69 -24.67 -15.98 -27.67
N ILE D 70 -23.49 -15.47 -27.32
CA ILE D 70 -23.08 -14.13 -27.68
C ILE D 70 -21.77 -14.21 -28.46
N SER D 71 -21.53 -13.18 -29.28
CA SER D 71 -20.32 -13.08 -30.07
C SER D 71 -20.14 -11.63 -30.50
N ARG D 72 -18.88 -11.22 -30.64
CA ARG D 72 -18.56 -9.85 -31.04
C ARG D 72 -17.55 -9.88 -32.17
N ASP D 73 -17.55 -8.82 -32.97
CA ASP D 73 -16.62 -8.65 -34.09
C ASP D 73 -16.00 -7.27 -33.98
N ASN D 74 -14.72 -7.23 -33.63
CA ASN D 74 -14.05 -5.93 -33.44
C ASN D 74 -13.82 -5.22 -34.76
N ALA D 75 -13.65 -5.98 -35.86
CA ALA D 75 -13.41 -5.35 -37.15
C ALA D 75 -14.67 -4.70 -37.72
N LYS D 76 -15.84 -5.17 -37.29
CA LYS D 76 -17.11 -4.64 -37.81
C LYS D 76 -17.84 -3.76 -36.80
N ASN D 77 -17.42 -3.76 -35.53
CA ASN D 77 -18.07 -2.98 -34.48
C ASN D 77 -19.53 -3.39 -34.32
N THR D 78 -19.79 -4.70 -34.40
CA THR D 78 -21.13 -5.24 -34.31
C THR D 78 -21.17 -6.36 -33.29
N LEU D 79 -22.18 -6.33 -32.42
CA LEU D 79 -22.36 -7.35 -31.39
C LEU D 79 -23.56 -8.22 -31.75
N TYR D 80 -23.45 -9.50 -31.40
CA TYR D 80 -24.48 -10.48 -31.72
C TYR D 80 -24.96 -11.17 -30.45
N LEU D 81 -26.23 -11.59 -30.46
CA LEU D 81 -26.83 -12.30 -29.35
C LEU D 81 -27.79 -13.35 -29.91
N GLN D 82 -27.47 -14.63 -29.68
CA GLN D 82 -28.28 -15.72 -30.19
C GLN D 82 -29.16 -16.28 -29.09
N MET D 83 -30.41 -16.59 -29.44
CA MET D 83 -31.38 -17.16 -28.51
C MET D 83 -31.90 -18.48 -29.05
N ASN D 84 -32.06 -19.45 -28.16
CA ASN D 84 -32.57 -20.77 -28.51
C ASN D 84 -33.60 -21.21 -27.48
N SER D 85 -34.68 -21.83 -27.96
CA SER D 85 -35.76 -22.32 -27.12
C SER D 85 -36.30 -21.23 -26.19
N LEU D 86 -36.86 -20.20 -26.81
CA LEU D 86 -37.41 -19.07 -26.06
C LEU D 86 -38.53 -19.53 -25.13
N LYS D 87 -38.67 -18.81 -24.01
CA LYS D 87 -39.66 -19.11 -23.00
C LYS D 87 -40.61 -17.94 -22.81
N PRO D 88 -41.85 -18.18 -22.38
CA PRO D 88 -42.77 -17.07 -22.15
C PRO D 88 -42.36 -16.16 -21.00
N GLU D 89 -41.42 -16.57 -20.17
CA GLU D 89 -40.96 -15.74 -19.07
C GLU D 89 -39.86 -14.76 -19.47
N ASP D 90 -39.32 -14.88 -20.69
CA ASP D 90 -38.23 -14.03 -21.15
C ASP D 90 -38.70 -12.84 -21.98
N THR D 91 -40.00 -12.56 -21.99
CA THR D 91 -40.51 -11.44 -22.77
C THR D 91 -40.14 -10.12 -22.08
N ALA D 92 -39.28 -9.34 -22.73
CA ALA D 92 -38.81 -8.07 -22.20
C ALA D 92 -38.03 -7.36 -23.29
N VAL D 93 -37.73 -6.09 -23.03
CA VAL D 93 -36.89 -5.30 -23.93
C VAL D 93 -35.44 -5.46 -23.51
N TYR D 94 -34.57 -5.73 -24.49
CA TYR D 94 -33.16 -6.01 -24.23
C TYR D 94 -32.32 -4.84 -24.70
N TYR D 95 -31.48 -4.32 -23.80
CA TYR D 95 -30.61 -3.19 -24.09
C TYR D 95 -29.18 -3.67 -24.30
N CYS D 96 -28.47 -3.00 -25.20
CA CYS D 96 -27.06 -3.28 -25.48
C CYS D 96 -26.22 -2.30 -24.68
N ALA D 97 -25.71 -2.76 -23.54
CA ALA D 97 -25.01 -1.90 -22.59
C ALA D 97 -23.50 -2.09 -22.68
N ARG D 98 -22.77 -1.02 -22.36
CA ARG D 98 -21.31 -1.01 -22.35
C ARG D 98 -20.83 -0.23 -21.14
N CYS D 99 -20.08 -0.89 -20.26
CA CYS D 99 -19.58 -0.19 -19.09
C CYS D 99 -18.44 0.74 -19.49
N PRO D 100 -18.31 1.91 -18.83
CA PRO D 100 -17.60 3.04 -19.44
C PRO D 100 -16.11 2.84 -19.68
N ALA D 101 -15.36 2.45 -18.64
CA ALA D 101 -13.94 2.62 -18.83
C ALA D 101 -13.33 1.48 -19.65
N PRO D 102 -12.40 1.81 -20.55
CA PRO D 102 -11.77 0.77 -21.36
C PRO D 102 -10.64 0.07 -20.63
N PHE D 103 -10.43 -1.20 -20.99
CA PHE D 103 -9.35 -2.01 -20.44
C PHE D 103 -9.44 -2.13 -18.93
N THR D 104 -10.65 -2.31 -18.43
CA THR D 104 -10.90 -2.46 -17.00
C THR D 104 -11.68 -3.75 -16.74
N ARG D 105 -11.26 -4.49 -15.72
CA ARG D 105 -11.95 -5.73 -15.37
C ARG D 105 -13.33 -5.44 -14.77
N ASP D 106 -13.45 -4.34 -14.04
CA ASP D 106 -14.72 -3.94 -13.47
C ASP D 106 -15.67 -3.45 -14.55
N CYS D 107 -16.96 -3.51 -14.26
CA CYS D 107 -18.01 -3.18 -15.23
C CYS D 107 -19.22 -2.70 -14.44
N PHE D 108 -19.41 -1.38 -14.40
CA PHE D 108 -20.34 -0.76 -13.47
C PHE D 108 -21.54 -0.16 -14.20
N ASP D 109 -22.61 0.06 -13.42
CA ASP D 109 -23.77 0.84 -13.82
C ASP D 109 -24.50 0.26 -15.04
N VAL D 110 -24.33 -1.02 -15.31
CA VAL D 110 -25.07 -1.65 -16.41
C VAL D 110 -26.54 -1.79 -16.06
N THR D 111 -26.84 -2.17 -14.82
CA THR D 111 -28.21 -2.39 -14.38
C THR D 111 -28.95 -1.10 -14.04
N SER D 112 -28.24 0.01 -13.90
CA SER D 112 -28.88 1.27 -13.51
C SER D 112 -29.88 1.71 -14.55
N THR D 113 -30.99 2.31 -14.08
CA THR D 113 -32.06 2.72 -14.98
C THR D 113 -31.69 3.96 -15.79
N THR D 114 -30.71 4.73 -15.35
CA THR D 114 -30.27 5.94 -16.05
C THR D 114 -28.81 5.74 -16.48
N TYR D 115 -28.64 5.19 -17.67
CA TYR D 115 -27.32 4.88 -18.21
C TYR D 115 -27.21 5.39 -19.64
N ALA D 116 -26.13 6.13 -19.92
CA ALA D 116 -25.98 6.75 -21.23
C ALA D 116 -25.38 5.82 -22.26
N TYR D 117 -24.54 4.88 -21.85
CA TYR D 117 -23.83 4.00 -22.78
C TYR D 117 -24.63 2.72 -23.06
N ARG D 118 -25.88 2.93 -23.45
CA ARG D 118 -26.75 1.82 -23.87
C ARG D 118 -27.84 2.37 -24.76
N GLY D 119 -28.24 1.58 -25.75
CA GLY D 119 -29.23 2.00 -26.72
C GLY D 119 -30.65 1.89 -26.21
N GLN D 120 -31.59 2.23 -27.09
CA GLN D 120 -33.00 2.16 -26.74
C GLN D 120 -33.50 0.72 -26.64
N GLY D 121 -32.80 -0.23 -27.26
CA GLY D 121 -33.18 -1.62 -27.18
C GLY D 121 -34.35 -1.97 -28.10
N THR D 122 -34.63 -3.26 -28.18
CA THR D 122 -35.71 -3.79 -29.00
C THR D 122 -36.62 -4.65 -28.13
N GLN D 123 -37.93 -4.47 -28.31
CA GLN D 123 -38.91 -5.20 -27.51
C GLN D 123 -39.04 -6.63 -28.03
N VAL D 124 -38.97 -7.59 -27.10
CA VAL D 124 -39.14 -9.00 -27.41
C VAL D 124 -40.36 -9.50 -26.66
N THR D 125 -41.35 -10.00 -27.40
CA THR D 125 -42.60 -10.49 -26.82
C THR D 125 -42.81 -11.94 -27.24
N VAL D 126 -43.11 -12.79 -26.25
CA VAL D 126 -43.35 -14.21 -26.49
C VAL D 126 -44.80 -14.50 -26.11
N SER D 127 -45.59 -14.91 -27.09
CA SER D 127 -47.00 -15.22 -26.88
C SER D 127 -47.46 -16.11 -28.04
N SER D 128 -48.77 -16.32 -28.13
CA SER D 128 -49.34 -17.13 -29.20
C SER D 128 -49.52 -16.31 -30.47
N LYS E 1 34.13 -20.35 31.55
CA LYS E 1 34.39 -20.14 30.13
C LYS E 1 33.10 -19.92 29.35
N CYS E 2 33.22 -19.35 28.16
CA CYS E 2 32.09 -19.15 27.24
C CYS E 2 31.99 -20.39 26.35
N ASN E 3 30.90 -21.14 26.51
CA ASN E 3 30.53 -22.16 25.54
C ASN E 3 29.27 -21.79 24.77
N THR E 4 28.65 -20.65 25.09
CA THR E 4 27.49 -20.18 24.34
C THR E 4 27.92 -19.59 23.00
N ALA E 5 26.94 -19.42 22.11
CA ALA E 5 27.21 -18.85 20.80
C ALA E 5 27.47 -17.35 20.85
N THR E 6 27.03 -16.68 21.91
CA THR E 6 27.23 -15.23 22.01
C THR E 6 28.70 -14.88 22.22
N CYS E 7 29.36 -15.56 23.15
CA CYS E 7 30.75 -15.27 23.49
C CYS E 7 31.66 -16.08 22.57
N ALA E 8 31.46 -15.89 21.26
CA ALA E 8 32.22 -16.60 20.24
C ALA E 8 33.19 -15.73 19.48
N THR E 9 32.89 -14.45 19.27
CA THR E 9 33.86 -13.55 18.67
C THR E 9 34.97 -13.19 19.66
N GLN E 10 34.63 -13.08 20.95
CA GLN E 10 35.66 -12.91 21.97
C GLN E 10 36.52 -14.16 22.09
N ARG E 11 35.91 -15.34 21.90
CA ARG E 11 36.68 -16.58 21.90
C ARG E 11 37.67 -16.62 20.74
N LEU E 12 37.25 -16.17 19.57
CA LEU E 12 38.16 -16.13 18.42
C LEU E 12 39.24 -15.08 18.62
N ALA E 13 38.87 -13.92 19.15
CA ALA E 13 39.87 -12.88 19.40
C ALA E 13 40.85 -13.29 20.49
N ASN E 14 40.40 -14.08 21.46
CA ASN E 14 41.31 -14.57 22.53
C ASN E 14 42.31 -15.58 21.96
N PHE E 15 41.84 -16.56 21.17
CA PHE E 15 42.76 -17.61 20.67
C PHE E 15 43.82 -16.98 19.78
N LEU E 16 43.43 -16.06 18.90
CA LEU E 16 44.41 -15.45 17.97
C LEU E 16 45.45 -14.66 18.77
N VAL E 17 45.03 -13.92 19.80
CA VAL E 17 45.97 -13.08 20.57
C VAL E 17 47.01 -13.94 21.28
N ARG E 18 46.58 -15.02 21.94
CA ARG E 18 47.52 -15.94 22.63
C ARG E 18 48.39 -16.72 21.64
N SER E 19 47.83 -17.16 20.52
CA SER E 19 48.56 -18.06 19.57
C SER E 19 49.79 -17.47 18.90
N SER E 20 49.71 -16.24 18.40
CA SER E 20 50.86 -15.67 17.65
C SER E 20 51.56 -14.63 18.53
N ASN E 21 50.87 -14.15 19.56
CA ASN E 21 51.46 -13.07 20.41
C ASN E 21 51.36 -13.49 21.87
N ASN E 22 52.18 -14.47 22.29
CA ASN E 22 52.11 -14.95 23.69
C ASN E 22 52.39 -13.75 24.59
N LEU E 23 51.61 -13.58 25.65
CA LEU E 23 51.75 -12.37 26.51
C LEU E 23 53.13 -12.31 27.18
N GLY E 24 53.68 -13.46 27.56
CA GLY E 24 55.03 -13.50 28.17
C GLY E 24 56.07 -12.95 27.21
N PRO E 25 57.05 -12.15 27.70
CA PRO E 25 58.06 -11.53 26.84
C PRO E 25 58.92 -12.58 26.12
N VAL E 26 59.24 -13.67 26.81
CA VAL E 26 60.03 -14.78 26.20
C VAL E 26 59.22 -15.39 25.04
N LEU E 27 57.89 -15.38 25.13
CA LEU E 27 57.00 -16.00 24.10
C LEU E 27 57.34 -17.49 23.90
N PRO E 28 57.53 -18.32 24.94
CA PRO E 28 57.95 -19.71 24.75
C PRO E 28 56.81 -20.74 24.83
N PRO E 29 56.66 -21.64 23.84
CA PRO E 29 55.65 -22.69 23.92
C PRO E 29 56.05 -23.57 25.12
N THR E 30 55.07 -24.04 25.90
CA THR E 30 55.42 -24.80 27.12
C THR E 30 56.19 -26.06 26.70
N ASN E 31 57.28 -26.36 27.41
CA ASN E 31 58.12 -27.52 27.02
C ASN E 31 57.51 -28.79 27.61
N VAL E 32 57.12 -29.74 26.77
CA VAL E 32 56.65 -31.05 27.29
C VAL E 32 57.75 -32.05 26.93
N GLY E 33 58.42 -32.62 27.93
CA GLY E 33 59.56 -33.50 27.66
C GLY E 33 59.83 -34.39 28.86
N SER E 34 60.67 -35.41 28.69
CA SER E 34 60.91 -36.37 29.79
C SER E 34 61.47 -35.64 31.01
N ASN E 35 62.32 -34.62 30.78
CA ASN E 35 62.91 -33.84 31.90
C ASN E 35 61.80 -33.12 32.68
N THR E 36 60.83 -32.53 31.99
CA THR E 36 59.68 -31.86 32.67
C THR E 36 58.65 -32.92 33.11
N TYR E 37 57.73 -32.55 33.99
CA TYR E 37 56.65 -33.50 34.41
C TYR E 37 55.81 -33.80 33.18
N NH2 E 38 55.23 -32.76 32.59
N PRO F 46 52.62 -10.80 33.13
CA PRO F 46 52.63 -12.16 33.69
C PRO F 46 51.42 -12.44 34.58
N PHE F 47 50.30 -11.77 34.30
CA PHE F 47 49.10 -12.01 35.08
C PHE F 47 48.49 -13.37 34.78
N LEU F 48 48.68 -13.88 33.56
CA LEU F 48 48.15 -15.20 33.22
C LEU F 48 48.89 -16.31 33.95
N TYR F 49 50.12 -16.03 34.43
CA TYR F 49 50.89 -17.04 35.12
C TYR F 49 50.43 -17.22 36.57
N VAL F 50 50.19 -16.10 37.27
CA VAL F 50 49.85 -16.18 38.68
C VAL F 50 48.48 -16.81 38.88
N VAL F 51 47.54 -16.58 37.96
CA VAL F 51 46.23 -17.20 38.07
C VAL F 51 46.34 -18.70 37.79
N GLY F 52 47.24 -19.10 36.90
CA GLY F 52 47.46 -20.51 36.68
C GLY F 52 48.15 -21.18 37.85
N ARG F 53 48.99 -20.44 38.57
CA ARG F 53 49.65 -20.99 39.75
C ARG F 53 48.66 -21.24 40.87
N LYS F 54 47.66 -20.35 41.00
CA LYS F 54 46.67 -20.52 42.08
C LYS F 54 45.88 -21.80 41.91
N LYS F 55 45.52 -22.15 40.67
CA LYS F 55 44.68 -23.32 40.43
C LYS F 55 45.47 -24.61 40.60
N MET F 56 46.74 -24.64 40.17
CA MET F 56 47.51 -25.87 40.24
C MET F 56 47.84 -26.25 41.69
N MET F 57 48.03 -25.25 42.55
CA MET F 57 48.26 -25.55 43.96
C MET F 57 47.01 -26.09 44.62
N ASP F 58 45.84 -25.60 44.21
CA ASP F 58 44.59 -26.13 44.77
C ASP F 58 44.37 -27.58 44.36
N ALA F 59 44.67 -27.92 43.10
CA ALA F 59 44.53 -29.30 42.65
C ALA F 59 45.46 -30.23 43.42
N GLN F 60 46.63 -29.72 43.80
CA GLN F 60 47.52 -30.49 44.67
C GLN F 60 46.84 -30.79 46.01
N TYR F 61 46.05 -29.84 46.51
CA TYR F 61 45.39 -30.03 47.80
C TYR F 61 44.24 -31.02 47.71
N LYS F 62 43.42 -30.92 46.65
CA LYS F 62 42.19 -31.70 46.60
C LYS F 62 42.45 -33.20 46.65
N CYS F 63 43.34 -33.72 45.80
CA CYS F 63 43.57 -35.16 45.81
C CYS F 63 44.56 -35.56 46.89
N TYR F 64 45.26 -34.59 47.48
CA TYR F 64 45.88 -34.86 48.77
C TYR F 64 44.86 -35.14 49.85
N ASP F 65 43.60 -34.77 49.64
CA ASP F 65 42.49 -35.23 50.49
C ASP F 65 41.89 -36.51 49.93
N ARG F 66 41.72 -36.55 48.59
CA ARG F 66 41.16 -37.73 47.93
C ARG F 66 41.96 -38.99 48.25
N MET F 67 43.28 -38.89 48.36
CA MET F 67 44.09 -40.07 48.64
C MET F 67 43.81 -40.62 50.03
N GLN F 68 43.20 -39.82 50.92
CA GLN F 68 42.97 -40.22 52.30
C GLN F 68 41.81 -41.19 52.46
N GLN F 69 41.02 -41.43 51.43
CA GLN F 69 39.91 -42.38 51.50
C GLN F 69 40.24 -43.72 50.86
N LEU F 70 41.49 -43.96 50.50
CA LEU F 70 41.89 -45.22 49.89
C LEU F 70 41.64 -46.39 50.84
N PRO F 71 40.83 -47.37 50.46
CA PRO F 71 40.62 -48.55 51.29
C PRO F 71 41.65 -49.64 50.96
N ALA F 72 41.68 -50.65 51.83
CA ALA F 72 42.58 -51.79 51.69
C ALA F 72 44.04 -51.36 51.57
N PRO F 78 49.75 -55.24 40.54
CA PRO F 78 48.82 -54.79 39.49
C PRO F 78 48.09 -53.49 39.86
N TYR F 79 48.60 -52.80 40.89
CA TYR F 79 48.00 -51.56 41.37
C TYR F 79 49.08 -50.48 41.38
N CYS F 80 48.91 -49.47 40.53
CA CYS F 80 49.82 -48.33 40.50
C CYS F 80 49.34 -47.29 41.51
N ASN F 81 50.16 -47.01 42.51
CA ASN F 81 49.74 -46.16 43.61
C ASN F 81 49.48 -44.72 43.14
N ARG F 82 48.59 -44.04 43.85
CA ARG F 82 48.20 -42.68 43.50
C ARG F 82 49.42 -41.75 43.51
N THR F 83 49.58 -40.99 42.43
CA THR F 83 50.72 -40.12 42.25
C THR F 83 50.28 -38.79 41.67
N TRP F 84 50.95 -37.72 42.10
CA TRP F 84 50.71 -36.36 41.63
C TRP F 84 51.84 -35.96 40.69
N ASP F 85 51.53 -35.78 39.41
CA ASP F 85 52.49 -35.17 38.51
C ASP F 85 52.44 -33.64 38.66
N GLY F 86 53.34 -32.96 37.94
CA GLY F 86 53.51 -31.54 38.15
C GLY F 86 52.26 -30.73 37.86
N TRP F 87 51.51 -31.09 36.82
CA TRP F 87 50.37 -30.30 36.39
C TRP F 87 49.04 -30.95 36.73
N LEU F 88 49.02 -32.22 37.12
CA LEU F 88 47.79 -32.91 37.43
C LEU F 88 48.13 -34.06 38.37
N CYS F 89 47.12 -34.73 38.90
CA CYS F 89 47.32 -35.90 39.74
C CYS F 89 46.49 -37.06 39.23
N TRP F 90 47.04 -38.26 39.35
CA TRP F 90 46.45 -39.47 38.80
C TRP F 90 45.86 -40.32 39.92
N ASP F 91 44.58 -40.67 39.80
CA ASP F 91 43.93 -41.54 40.77
C ASP F 91 44.44 -42.97 40.64
N ASP F 92 44.23 -43.75 41.71
CA ASP F 92 44.64 -45.14 41.73
C ASP F 92 43.96 -45.94 40.63
N THR F 93 44.77 -46.64 39.83
CA THR F 93 44.28 -47.36 38.67
C THR F 93 44.69 -48.82 38.75
N PRO F 94 43.76 -49.76 38.56
CA PRO F 94 44.12 -51.19 38.63
C PRO F 94 44.78 -51.70 37.35
N ALA F 95 46.06 -51.32 37.19
CA ALA F 95 46.88 -51.72 36.04
C ALA F 95 46.27 -51.31 34.71
N GLY F 96 45.45 -50.26 34.71
CA GLY F 96 44.85 -49.81 33.46
C GLY F 96 45.89 -49.24 32.52
N VAL F 97 45.70 -49.52 31.23
CA VAL F 97 46.62 -49.09 30.18
C VAL F 97 46.08 -47.82 29.54
N LEU F 98 46.94 -46.82 29.39
CA LEU F 98 46.61 -45.58 28.70
C LEU F 98 45.45 -44.85 29.39
N SER F 99 45.60 -44.57 30.67
CA SER F 99 44.59 -43.81 31.40
C SER F 99 44.46 -42.41 30.81
N TYR F 100 43.22 -41.98 30.60
CA TYR F 100 42.95 -40.70 29.97
C TYR F 100 42.31 -39.73 30.96
N GLN F 101 42.41 -38.44 30.64
CA GLN F 101 41.85 -37.36 31.44
C GLN F 101 42.00 -36.08 30.64
N PHE F 102 41.26 -35.05 31.04
CA PHE F 102 41.32 -33.76 30.36
C PHE F 102 42.55 -32.98 30.80
N CYS F 103 43.15 -32.27 29.85
CA CYS F 103 44.36 -31.52 30.13
C CYS F 103 44.06 -30.36 31.06
N PRO F 104 45.01 -30.00 31.94
CA PRO F 104 44.77 -28.88 32.85
C PRO F 104 44.79 -27.55 32.11
N ASP F 105 43.86 -26.68 32.48
CA ASP F 105 43.74 -25.35 31.89
C ASP F 105 44.56 -24.30 32.61
N TYR F 106 45.59 -24.70 33.35
CA TYR F 106 46.38 -23.73 34.11
C TYR F 106 47.24 -22.89 33.19
N PHE F 107 47.88 -23.55 32.22
CA PHE F 107 48.74 -22.92 31.19
C PHE F 107 47.91 -22.45 29.99
N PRO F 108 48.08 -21.19 29.54
CA PRO F 108 47.30 -20.63 28.43
C PRO F 108 47.50 -21.35 27.09
N ASP F 109 48.73 -21.77 26.79
CA ASP F 109 49.02 -22.45 25.50
C ASP F 109 48.22 -23.75 25.40
N PHE F 110 48.07 -24.46 26.52
CA PHE F 110 47.34 -25.76 26.52
C PHE F 110 45.85 -25.55 26.27
N ASP F 111 45.09 -26.65 26.25
CA ASP F 111 43.66 -26.60 25.99
C ASP F 111 42.95 -27.76 26.68
N PRO F 112 41.69 -27.56 27.11
CA PRO F 112 40.98 -28.63 27.82
C PRO F 112 40.40 -29.70 26.92
N SER F 113 40.19 -29.43 25.64
CA SER F 113 39.54 -30.39 24.75
C SER F 113 40.54 -31.35 24.10
N GLU F 114 41.37 -31.98 24.93
CA GLU F 114 42.29 -33.02 24.48
C GLU F 114 42.40 -34.07 25.57
N LYS F 115 43.33 -35.01 25.39
CA LYS F 115 43.52 -36.12 26.31
C LYS F 115 44.96 -36.17 26.80
N VAL F 116 45.13 -36.60 28.04
CA VAL F 116 46.45 -36.85 28.62
C VAL F 116 46.57 -38.35 28.88
N THR F 117 47.67 -38.94 28.42
CA THR F 117 47.86 -40.39 28.46
C THR F 117 48.92 -40.73 29.48
N LYS F 118 48.65 -41.74 30.31
CA LYS F 118 49.57 -42.20 31.34
C LYS F 118 49.57 -43.72 31.37
N TYR F 119 50.77 -44.30 31.32
CA TYR F 119 50.96 -45.75 31.38
C TYR F 119 51.44 -46.12 32.78
N CYS F 120 50.72 -47.05 33.42
CA CYS F 120 51.03 -47.45 34.79
C CYS F 120 50.99 -48.96 34.93
N ASP F 121 51.92 -49.48 35.72
CA ASP F 121 51.90 -50.87 36.20
C ASP F 121 51.84 -51.88 35.06
N GLU F 122 52.60 -51.65 33.98
CA GLU F 122 52.77 -52.69 32.98
C GLU F 122 53.40 -53.93 33.59
N LYS F 123 54.45 -53.73 34.40
CA LYS F 123 55.06 -54.80 35.18
C LYS F 123 55.07 -54.48 36.67
N GLY F 124 54.61 -53.29 37.07
CA GLY F 124 54.61 -52.89 38.46
C GLY F 124 55.08 -51.47 38.68
N VAL F 125 55.42 -50.78 37.59
CA VAL F 125 55.91 -49.41 37.65
C VAL F 125 55.17 -48.56 36.61
N TRP F 126 55.26 -47.25 36.78
CA TRP F 126 54.62 -46.32 35.86
C TRP F 126 55.42 -46.21 34.57
N PHE F 127 54.97 -45.34 33.67
CA PHE F 127 55.65 -45.15 32.40
C PHE F 127 57.02 -44.53 32.61
N LYS F 128 58.02 -45.13 31.96
CA LYS F 128 59.41 -44.68 32.06
C LYS F 128 59.88 -44.26 30.68
N HIS F 129 60.25 -43.00 30.53
CA HIS F 129 60.72 -42.51 29.24
C HIS F 129 62.05 -43.16 28.89
N PRO F 130 62.23 -43.61 27.64
CA PRO F 130 63.49 -44.27 27.29
C PRO F 130 64.68 -43.33 27.30
N GLU F 131 64.46 -42.03 27.08
CA GLU F 131 65.59 -41.10 27.00
C GLU F 131 66.07 -40.70 28.39
N ASN F 132 65.16 -40.29 29.27
CA ASN F 132 65.52 -39.78 30.58
C ASN F 132 65.44 -40.82 31.69
N ASN F 133 64.77 -41.94 31.45
CA ASN F 133 64.62 -43.01 32.45
C ASN F 133 63.95 -42.47 33.72
N ARG F 134 62.94 -41.62 33.53
CA ARG F 134 62.21 -41.04 34.64
C ARG F 134 60.72 -41.06 34.33
N THR F 135 59.91 -40.94 35.38
CA THR F 135 58.47 -40.95 35.22
C THR F 135 58.01 -39.71 34.46
N TRP F 136 57.27 -39.91 33.37
CA TRP F 136 56.82 -38.82 32.53
C TRP F 136 55.41 -39.11 32.04
N SER F 137 54.58 -38.06 32.02
CA SER F 137 53.22 -38.16 31.53
C SER F 137 53.12 -37.50 30.16
N ASN F 138 52.39 -38.14 29.25
CA ASN F 138 52.24 -37.62 27.89
C ASN F 138 51.44 -36.33 27.92
N TYR F 139 52.08 -35.23 27.49
CA TYR F 139 51.40 -33.94 27.43
C TYR F 139 51.59 -33.25 26.09
N THR F 140 52.15 -33.93 25.08
CA THR F 140 52.38 -33.29 23.79
C THR F 140 51.08 -33.05 23.03
N MET F 141 50.07 -33.91 23.22
CA MET F 141 48.81 -33.74 22.52
C MET F 141 48.05 -32.51 23.00
N CYS F 142 48.25 -32.10 24.26
CA CYS F 142 47.58 -30.92 24.81
C CYS F 142 48.43 -29.68 24.51
N ASN F 143 48.53 -29.39 23.22
CA ASN F 143 49.24 -28.14 22.82
C ASN F 143 48.43 -27.45 21.74
N ALA F 144 47.76 -26.35 22.09
CA ALA F 144 47.00 -25.58 21.09
C ALA F 144 48.01 -24.71 20.35
N PHE F 145 47.58 -24.00 19.31
CA PHE F 145 48.50 -23.15 18.49
C PHE F 145 49.27 -24.07 17.55
N THR F 146 48.80 -25.31 17.38
CA THR F 146 49.44 -26.26 16.44
C THR F 146 49.13 -25.74 15.03
N PRO F 147 49.90 -26.08 13.97
CA PRO F 147 49.67 -25.47 12.65
C PRO F 147 48.25 -25.71 12.11
N GLU F 148 47.68 -26.91 12.32
CA GLU F 148 46.28 -27.17 11.88
C GLU F 148 45.31 -26.28 12.66
N LYS F 149 45.49 -26.16 13.98
CA LYS F 149 44.57 -25.35 14.81
C LYS F 149 44.68 -23.88 14.40
N LEU F 150 45.91 -23.40 14.19
CA LEU F 150 46.14 -21.98 13.79
C LEU F 150 45.53 -21.71 12.42
N LYS F 151 45.66 -22.64 11.47
CA LYS F 151 45.16 -22.39 10.08
C LYS F 151 43.64 -22.24 10.14
N ASN F 152 42.96 -23.11 10.87
CA ASN F 152 41.52 -22.98 11.02
C ASN F 152 41.16 -21.62 11.65
N ALA F 153 41.97 -21.15 12.59
CA ALA F 153 41.71 -19.86 13.21
C ALA F 153 41.95 -18.73 12.22
N TYR F 154 42.92 -18.88 11.32
CA TYR F 154 43.18 -17.84 10.32
C TYR F 154 42.04 -17.76 9.32
N VAL F 155 41.45 -18.89 8.95
CA VAL F 155 40.30 -18.87 8.06
C VAL F 155 39.11 -18.20 8.75
N LEU F 156 38.90 -18.49 10.03
CA LEU F 156 37.83 -17.83 10.77
C LEU F 156 38.11 -16.34 10.96
N TYR F 157 39.38 -15.96 11.04
CA TYR F 157 39.73 -14.55 11.18
C TYR F 157 39.40 -13.77 9.92
N TYR F 158 39.79 -14.30 8.76
CA TYR F 158 39.48 -13.62 7.50
C TYR F 158 37.99 -13.71 7.17
N LEU F 159 37.32 -14.77 7.61
CA LEU F 159 35.88 -14.87 7.39
C LEU F 159 35.13 -13.80 8.17
N ALA F 160 35.64 -13.44 9.36
CA ALA F 160 35.01 -12.38 10.14
C ALA F 160 35.28 -11.01 9.52
N ILE F 161 36.47 -10.80 8.96
CA ILE F 161 36.80 -9.53 8.33
C ILE F 161 35.95 -9.33 7.08
N VAL F 162 35.88 -10.36 6.23
CA VAL F 162 35.05 -10.27 5.03
C VAL F 162 33.57 -10.21 5.40
N GLY F 163 33.18 -10.93 6.44
CA GLY F 163 31.78 -10.93 6.86
C GLY F 163 31.32 -9.59 7.40
N HIS F 164 32.23 -8.83 8.01
CA HIS F 164 31.90 -7.52 8.54
C HIS F 164 32.16 -6.39 7.56
N SER F 165 33.16 -6.55 6.68
CA SER F 165 33.40 -5.52 5.66
C SER F 165 32.30 -5.53 4.61
N LEU F 166 31.80 -6.71 4.25
CA LEU F 166 30.68 -6.79 3.32
C LEU F 166 29.38 -6.33 3.98
N SER F 167 29.27 -6.46 5.31
CA SER F 167 28.09 -6.02 6.02
C SER F 167 28.03 -4.50 6.15
N ILE F 168 29.12 -3.79 5.93
CA ILE F 168 29.12 -2.34 6.00
C ILE F 168 28.66 -1.73 4.68
N PHE F 169 29.27 -2.17 3.56
CA PHE F 169 28.88 -1.67 2.25
C PHE F 169 27.45 -2.05 1.89
N THR F 170 26.92 -3.13 2.47
CA THR F 170 25.55 -3.54 2.15
C THR F 170 24.53 -2.80 3.01
N LEU F 171 24.87 -2.50 4.26
CA LEU F 171 23.94 -1.85 5.16
C LEU F 171 23.96 -0.33 5.05
N VAL F 172 25.09 0.26 4.65
CA VAL F 172 25.14 1.70 4.44
C VAL F 172 24.19 2.09 3.31
N ILE F 173 24.17 1.30 2.23
CA ILE F 173 23.21 1.54 1.16
C ILE F 173 21.79 1.30 1.65
N SER F 174 21.59 0.26 2.46
CA SER F 174 20.26 -0.03 2.98
C SER F 174 19.79 1.04 3.95
N LEU F 175 20.68 1.49 4.84
CA LEU F 175 20.30 2.55 5.77
C LEU F 175 20.10 3.88 5.06
N GLY F 176 20.92 4.15 4.04
CA GLY F 176 20.79 5.40 3.31
C GLY F 176 19.51 5.51 2.52
N ILE F 177 18.96 4.37 2.08
CA ILE F 177 17.70 4.39 1.32
C ILE F 177 16.53 4.75 2.23
N PHE F 178 16.53 4.21 3.45
CA PHE F 178 15.38 4.43 4.34
C PHE F 178 15.33 5.87 4.83
N VAL F 179 16.48 6.50 5.03
CA VAL F 179 16.49 7.88 5.53
C VAL F 179 16.21 8.87 4.40
N PHE F 180 16.62 8.56 3.17
CA PHE F 180 16.42 9.48 2.07
C PHE F 180 15.00 9.39 1.52
N PHE F 181 14.48 8.17 1.35
CA PHE F 181 13.13 7.97 0.84
C PHE F 181 12.15 8.15 1.99
N ARG F 182 11.59 9.37 2.11
CA ARG F 182 10.63 9.64 3.16
C ARG F 182 9.26 9.03 2.89
N SER F 183 9.03 8.48 1.70
CA SER F 183 7.76 7.81 1.40
C SER F 183 7.64 6.47 2.10
N LEU F 184 8.72 5.93 2.66
CA LEU F 184 8.70 4.67 3.38
C LEU F 184 8.74 4.88 4.89
N GLY F 185 8.08 5.92 5.38
CA GLY F 185 8.07 6.22 6.80
C GLY F 185 6.98 5.51 7.56
N CYS F 186 7.33 4.40 8.21
CA CYS F 186 6.40 3.62 9.01
C CYS F 186 6.96 3.47 10.42
N GLN F 187 6.18 2.83 11.29
CA GLN F 187 6.62 2.60 12.66
C GLN F 187 7.64 1.48 12.78
N ARG F 188 7.66 0.55 11.82
CA ARG F 188 8.64 -0.52 11.80
C ARG F 188 9.91 -0.15 11.06
N VAL F 189 9.86 0.86 10.20
CA VAL F 189 11.05 1.29 9.47
C VAL F 189 12.01 2.03 10.39
N THR F 190 11.48 2.80 11.33
CA THR F 190 12.33 3.48 12.30
C THR F 190 13.08 2.47 13.17
N LEU F 191 12.44 1.34 13.49
CA LEU F 191 13.13 0.28 14.20
C LEU F 191 14.18 -0.38 13.31
N HIS F 192 13.89 -0.51 12.01
CA HIS F 192 14.85 -1.11 11.10
C HIS F 192 16.06 -0.20 10.90
N LYS F 193 15.84 1.12 10.87
CA LYS F 193 16.95 2.05 10.75
C LYS F 193 17.86 1.98 11.98
N ASN F 194 17.27 1.88 13.17
CA ASN F 194 18.06 1.70 14.37
C ASN F 194 18.67 0.30 14.44
N MET F 195 17.97 -0.70 13.90
CA MET F 195 18.54 -2.04 13.82
C MET F 195 19.73 -2.07 12.87
N PHE F 196 19.63 -1.40 11.73
CA PHE F 196 20.74 -1.38 10.79
C PHE F 196 21.90 -0.53 11.31
N LEU F 197 21.60 0.54 12.06
CA LEU F 197 22.66 1.37 12.60
C LEU F 197 23.49 0.60 13.63
N THR F 198 22.85 -0.29 14.40
CA THR F 198 23.58 -1.08 15.39
C THR F 198 24.50 -2.08 14.72
N TYR F 199 24.06 -2.66 13.60
CA TYR F 199 24.91 -3.61 12.88
C TYR F 199 26.14 -2.93 12.30
N ILE F 200 25.97 -1.71 11.77
CA ILE F 200 27.11 -0.98 11.21
C ILE F 200 28.10 -0.62 12.31
N LEU F 201 27.60 -0.12 13.44
CA LEU F 201 28.48 0.22 14.55
C LEU F 201 29.16 -1.01 15.13
N ASN F 202 28.44 -2.13 15.19
CA ASN F 202 29.04 -3.35 15.71
C ASN F 202 30.09 -3.90 14.74
N SER F 203 29.80 -3.86 13.44
CA SER F 203 30.76 -4.35 12.46
C SER F 203 32.02 -3.49 12.41
N MET F 204 31.86 -2.18 12.63
CA MET F 204 33.01 -1.29 12.59
C MET F 204 33.94 -1.53 13.78
N ILE F 205 33.38 -1.71 14.97
CA ILE F 205 34.21 -1.91 16.16
C ILE F 205 34.91 -3.27 16.09
N ILE F 206 34.22 -4.29 15.57
CA ILE F 206 34.84 -5.61 15.46
C ILE F 206 35.99 -5.58 14.47
N ILE F 207 35.83 -4.85 13.36
CA ILE F 207 36.92 -4.74 12.39
C ILE F 207 38.10 -3.99 13.00
N ILE F 208 37.82 -2.91 13.74
CA ILE F 208 38.90 -2.17 14.39
C ILE F 208 39.59 -3.04 15.44
N HIS F 209 38.82 -3.87 16.14
CA HIS F 209 39.39 -4.72 17.17
C HIS F 209 40.23 -5.84 16.58
N LEU F 210 39.82 -6.38 15.43
CA LEU F 210 40.53 -7.50 14.82
C LEU F 210 41.73 -7.05 13.99
N VAL F 211 41.80 -5.78 13.63
CA VAL F 211 42.89 -5.28 12.79
C VAL F 211 43.88 -4.42 13.57
N GLU F 212 43.42 -3.63 14.55
CA GLU F 212 44.29 -2.71 15.27
C GLU F 212 44.69 -3.21 16.65
N VAL F 213 44.08 -4.28 17.15
CA VAL F 213 44.34 -4.78 18.49
C VAL F 213 44.86 -6.21 18.48
N VAL F 214 44.24 -7.09 17.70
CA VAL F 214 44.58 -8.51 17.70
C VAL F 214 46.00 -8.74 17.17
N PRO F 215 46.37 -8.26 15.98
CA PRO F 215 47.72 -8.56 15.46
C PRO F 215 48.83 -7.70 16.06
N ASN F 216 48.55 -6.93 17.11
CA ASN F 216 49.55 -6.11 17.77
C ASN F 216 49.89 -6.76 19.11
N GLY F 217 51.12 -7.26 19.23
CA GLY F 217 51.54 -7.95 20.43
C GLY F 217 51.96 -7.01 21.55
N GLU F 218 52.72 -5.98 21.20
CA GLU F 218 53.20 -5.03 22.20
C GLU F 218 52.05 -4.26 22.85
N LEU F 219 50.94 -4.08 22.11
CA LEU F 219 49.80 -3.34 22.65
C LEU F 219 49.16 -4.10 23.81
N VAL F 220 49.10 -5.42 23.72
CA VAL F 220 48.46 -6.21 24.77
C VAL F 220 49.34 -6.28 26.00
N ARG F 221 50.66 -6.33 25.83
CA ARG F 221 51.55 -6.39 26.98
C ARG F 221 51.50 -5.11 27.80
N ARG F 222 51.40 -3.95 27.14
CA ARG F 222 51.30 -2.68 27.84
C ARG F 222 49.93 -2.44 28.42
N ASP F 223 48.89 -3.11 27.90
CA ASP F 223 47.50 -3.00 28.31
C ASP F 223 47.11 -1.55 28.65
N PRO F 224 47.05 -0.67 27.66
CA PRO F 224 46.67 0.73 27.93
C PRO F 224 45.18 0.84 28.24
N VAL F 225 44.80 2.00 28.77
CA VAL F 225 43.40 2.25 29.09
C VAL F 225 42.57 2.33 27.82
N SER F 226 43.16 2.80 26.72
CA SER F 226 42.42 2.87 25.46
C SER F 226 42.03 1.49 24.96
N CYS F 227 42.78 0.45 25.35
CA CYS F 227 42.42 -0.90 24.95
C CYS F 227 41.21 -1.41 25.73
N LYS F 228 41.07 -0.99 26.99
CA LYS F 228 39.94 -1.44 27.79
C LYS F 228 38.66 -0.69 27.42
N ILE F 229 38.76 0.61 27.14
CA ILE F 229 37.56 1.35 26.75
C ILE F 229 37.11 0.95 25.35
N LEU F 230 38.02 0.44 24.52
CA LEU F 230 37.62 -0.07 23.21
C LEU F 230 36.87 -1.39 23.36
N HIS F 231 37.31 -2.25 24.28
CA HIS F 231 36.58 -3.47 24.56
C HIS F 231 35.26 -3.19 25.24
N PHE F 232 35.18 -2.08 26.00
CA PHE F 232 33.93 -1.69 26.62
C PHE F 232 32.90 -1.31 25.56
N PHE F 233 33.31 -0.52 24.56
CA PHE F 233 32.41 -0.19 23.46
C PHE F 233 32.09 -1.42 22.61
N HIS F 234 33.03 -2.35 22.50
CA HIS F 234 32.76 -3.59 21.78
C HIS F 234 31.78 -4.47 22.55
N GLN F 235 31.90 -4.50 23.88
CA GLN F 235 30.98 -5.29 24.69
C GLN F 235 29.64 -4.61 24.89
N TYR F 236 29.54 -3.31 24.61
CA TYR F 236 28.27 -2.59 24.71
C TYR F 236 27.50 -2.62 23.40
N MET F 237 28.19 -2.41 22.27
CA MET F 237 27.51 -2.47 20.98
C MET F 237 27.10 -3.88 20.62
N MET F 238 27.83 -4.88 21.09
CA MET F 238 27.44 -6.27 20.86
C MET F 238 26.16 -6.61 21.65
N ALA F 239 26.11 -6.21 22.92
CA ALA F 239 24.90 -6.45 23.71
C ALA F 239 23.73 -5.62 23.21
N CYS F 240 24.01 -4.43 22.65
CA CYS F 240 22.93 -3.62 22.09
C CYS F 240 22.38 -4.23 20.81
N ASN F 241 23.20 -4.99 20.08
CA ASN F 241 22.72 -5.64 18.87
C ASN F 241 21.80 -6.81 19.20
N TYR F 242 22.12 -7.57 20.24
CA TYR F 242 21.30 -8.71 20.63
C TYR F 242 20.05 -8.31 21.39
N PHE F 243 19.99 -7.08 21.91
CA PHE F 243 18.78 -6.59 22.54
C PHE F 243 17.85 -5.88 21.57
N TRP F 244 18.37 -5.38 20.45
CA TRP F 244 17.50 -4.84 19.41
C TRP F 244 16.79 -5.96 18.65
N MET F 245 17.37 -7.16 18.65
CA MET F 245 16.65 -8.32 18.12
C MET F 245 15.41 -8.61 18.94
N LEU F 246 15.49 -8.39 20.26
CA LEU F 246 14.31 -8.53 21.11
C LEU F 246 13.31 -7.41 20.85
N CYS F 247 13.80 -6.19 20.64
CA CYS F 247 12.91 -5.08 20.32
C CYS F 247 12.17 -5.32 19.02
N GLU F 248 12.87 -5.86 18.01
CA GLU F 248 12.20 -6.25 16.77
C GLU F 248 11.26 -7.42 16.99
N GLY F 249 11.59 -8.31 17.92
CA GLY F 249 10.71 -9.43 18.21
C GLY F 249 9.50 -9.03 19.02
N ILE F 250 9.68 -8.12 19.98
CA ILE F 250 8.55 -7.64 20.77
C ILE F 250 7.58 -6.85 19.90
N TYR F 251 8.10 -5.97 19.04
CA TYR F 251 7.24 -5.22 18.13
C TYR F 251 6.56 -6.15 17.13
N LEU F 252 7.27 -7.17 16.64
CA LEU F 252 6.66 -8.14 15.76
C LEU F 252 5.59 -8.94 16.47
N HIS F 253 5.80 -9.24 17.75
CA HIS F 253 4.77 -9.88 18.58
C HIS F 253 3.91 -8.83 19.27
N THR F 254 3.46 -7.85 18.50
CA THR F 254 2.53 -6.84 18.96
C THR F 254 1.49 -6.50 17.89
N LEU F 255 1.71 -6.89 16.64
CA LEU F 255 0.75 -6.67 15.57
C LEU F 255 0.14 -7.95 15.03
N ILE F 256 0.58 -9.12 15.51
CA ILE F 256 0.09 -10.39 15.01
C ILE F 256 -0.64 -11.20 16.08
N VAL F 257 -0.32 -11.03 17.37
CA VAL F 257 -0.91 -11.87 18.40
C VAL F 257 -1.75 -11.03 19.36
N VAL F 258 -1.11 -10.09 20.05
CA VAL F 258 -1.77 -9.30 21.09
C VAL F 258 -1.63 -7.83 20.75
N ALA F 259 -2.68 -7.06 21.07
CA ALA F 259 -2.72 -5.61 20.84
C ALA F 259 -2.56 -5.28 19.36
N VAL F 260 -3.30 -6.00 18.50
CA VAL F 260 -3.23 -5.75 17.07
C VAL F 260 -3.92 -4.43 16.72
N PHE F 261 -5.03 -4.12 17.39
CA PHE F 261 -5.78 -2.92 17.06
C PHE F 261 -5.11 -1.65 17.57
N THR F 262 -4.25 -1.78 18.57
CA THR F 262 -3.58 -0.60 19.15
C THR F 262 -2.46 -0.15 18.23
N GLU F 263 -2.66 0.98 17.53
CA GLU F 263 -1.63 1.58 16.72
C GLU F 263 -0.95 2.70 17.50
N LYS F 264 0.07 3.31 16.88
CA LYS F 264 0.84 4.39 17.49
C LYS F 264 1.41 3.98 18.85
N GLN F 265 2.14 2.87 18.85
CA GLN F 265 2.76 2.38 20.07
C GLN F 265 3.87 3.32 20.51
N ARG F 266 3.91 3.62 21.80
CA ARG F 266 4.95 4.48 22.36
C ARG F 266 6.30 3.78 22.27
N LEU F 267 7.16 4.27 21.38
CA LEU F 267 8.48 3.68 21.16
C LEU F 267 9.50 4.12 22.21
N ARG F 268 9.06 4.70 23.32
CA ARG F 268 9.99 5.11 24.37
C ARG F 268 10.65 3.90 25.03
N TRP F 269 9.89 2.82 25.20
CA TRP F 269 10.46 1.62 25.81
C TRP F 269 11.39 0.89 24.85
N TYR F 270 11.14 0.98 23.54
CA TYR F 270 12.02 0.34 22.57
C TYR F 270 13.39 1.02 22.55
N TYR F 271 13.42 2.35 22.65
CA TYR F 271 14.70 3.06 22.71
C TYR F 271 15.39 2.80 24.04
N LEU F 272 14.62 2.65 25.12
CA LEU F 272 15.20 2.36 26.42
C LEU F 272 15.76 0.94 26.47
N LEU F 273 15.05 -0.01 25.86
CA LEU F 273 15.53 -1.39 25.85
C LEU F 273 16.67 -1.58 24.85
N GLY F 274 16.64 -0.85 23.73
CA GLY F 274 17.65 -0.98 22.71
C GLY F 274 19.00 -0.41 23.08
N TRP F 275 19.05 0.91 23.30
CA TRP F 275 20.31 1.59 23.59
C TRP F 275 20.52 1.88 25.06
N GLY F 276 19.46 1.95 25.86
CA GLY F 276 19.59 2.33 27.26
C GLY F 276 19.74 1.15 28.21
N PHE F 277 19.02 0.06 27.94
CA PHE F 277 19.08 -1.08 28.84
C PHE F 277 20.44 -1.77 28.84
N PRO F 278 21.09 -2.06 27.70
CA PRO F 278 22.39 -2.75 27.75
C PRO F 278 23.47 -1.99 28.51
N LEU F 279 23.23 -0.72 28.88
CA LEU F 279 24.22 0.00 29.69
C LEU F 279 24.32 -0.57 31.10
N VAL F 280 23.27 -1.24 31.58
CA VAL F 280 23.25 -1.76 32.94
C VAL F 280 24.08 -3.05 33.04
N PRO F 281 23.89 -4.06 32.18
CA PRO F 281 24.74 -5.26 32.30
C PRO F 281 26.19 -4.97 31.99
N THR F 282 26.48 -3.99 31.12
CA THR F 282 27.86 -3.71 30.75
C THR F 282 28.60 -3.00 31.87
N THR F 283 27.92 -2.15 32.64
CA THR F 283 28.58 -1.44 33.72
C THR F 283 28.72 -2.30 34.98
N ILE F 284 27.86 -3.31 35.14
CA ILE F 284 28.01 -4.23 36.27
C ILE F 284 29.18 -5.18 36.02
N HIS F 285 29.35 -5.62 34.77
CA HIS F 285 30.49 -6.48 34.45
C HIS F 285 31.79 -5.70 34.46
N ALA F 286 31.74 -4.41 34.10
CA ALA F 286 32.96 -3.61 34.04
C ALA F 286 33.53 -3.37 35.43
N ILE F 287 32.68 -3.02 36.40
CA ILE F 287 33.17 -2.78 37.75
C ILE F 287 33.66 -4.06 38.40
N THR F 288 33.08 -5.20 38.03
CA THR F 288 33.52 -6.49 38.55
C THR F 288 34.68 -7.08 37.76
N ARG F 289 35.11 -6.43 36.67
CA ARG F 289 36.24 -6.87 35.88
C ARG F 289 37.54 -6.16 36.25
N ALA F 290 37.46 -5.06 37.00
CA ALA F 290 38.65 -4.33 37.43
C ALA F 290 39.05 -4.63 38.87
N VAL F 291 38.21 -5.36 39.61
CA VAL F 291 38.49 -5.67 41.00
C VAL F 291 38.76 -7.16 41.22
N TYR F 292 38.11 -8.03 40.44
CA TYR F 292 38.21 -9.48 40.64
C TYR F 292 39.08 -10.16 39.60
N PHE F 293 38.83 -9.90 38.31
CA PHE F 293 39.56 -10.57 37.22
C PHE F 293 39.91 -9.51 36.19
N ASN F 294 41.09 -8.92 36.33
CA ASN F 294 41.57 -7.85 35.46
C ASN F 294 42.65 -8.43 34.54
N ASP F 295 42.28 -8.67 33.29
CA ASP F 295 43.19 -9.18 32.28
C ASP F 295 43.58 -8.06 31.31
N ASN F 296 44.73 -8.25 30.66
CA ASN F 296 45.21 -7.26 29.70
C ASN F 296 44.24 -7.14 28.53
N CYS F 297 43.74 -5.93 28.30
CA CYS F 297 42.75 -5.61 27.26
C CYS F 297 41.44 -6.36 27.45
N TRP F 298 41.24 -7.01 28.60
CA TRP F 298 40.04 -7.80 28.88
C TRP F 298 39.81 -8.87 27.82
N LEU F 299 40.89 -9.35 27.19
CA LEU F 299 40.79 -10.38 26.16
C LEU F 299 40.97 -11.76 26.80
N SER F 300 39.97 -12.11 27.61
CA SER F 300 39.94 -13.39 28.30
C SER F 300 38.51 -13.90 28.35
N VAL F 301 38.33 -15.16 27.99
CA VAL F 301 37.02 -15.80 27.98
C VAL F 301 36.98 -16.98 28.95
N GLU F 302 37.91 -17.03 29.90
CA GLU F 302 37.97 -18.12 30.86
C GLU F 302 37.17 -17.84 32.13
N THR F 303 37.05 -16.58 32.52
CA THR F 303 36.31 -16.24 33.73
C THR F 303 34.81 -16.41 33.52
N HIS F 304 34.10 -16.63 34.63
CA HIS F 304 32.65 -16.78 34.60
C HIS F 304 31.91 -15.46 34.80
N LEU F 305 32.62 -14.34 34.76
CA LEU F 305 32.00 -13.03 34.93
C LEU F 305 31.45 -12.45 33.64
N LEU F 306 31.74 -13.06 32.50
CA LEU F 306 31.17 -12.59 31.24
C LEU F 306 29.69 -12.93 31.13
N TYR F 307 29.19 -13.85 31.97
CA TYR F 307 27.78 -14.18 31.96
C TYR F 307 26.92 -13.05 32.49
N ILE F 308 27.54 -12.07 33.15
CA ILE F 308 26.82 -10.90 33.65
C ILE F 308 26.16 -10.19 32.49
N ILE F 309 26.84 -10.14 31.35
CA ILE F 309 26.30 -9.52 30.14
C ILE F 309 25.61 -10.55 29.26
N HIS F 310 26.22 -11.72 29.08
CA HIS F 310 25.70 -12.74 28.18
C HIS F 310 24.61 -13.60 28.81
N GLY F 311 24.28 -13.37 30.07
CA GLY F 311 23.18 -14.05 30.71
C GLY F 311 21.84 -13.47 30.28
N PRO F 312 21.61 -12.18 30.55
CA PRO F 312 20.39 -11.54 30.05
C PRO F 312 20.29 -11.54 28.54
N VAL F 313 21.41 -11.57 27.83
CA VAL F 313 21.37 -11.62 26.38
C VAL F 313 20.75 -12.95 25.92
N MET F 314 21.21 -14.06 26.50
CA MET F 314 20.63 -15.35 26.19
C MET F 314 19.17 -15.44 26.63
N ALA F 315 18.86 -14.86 27.79
CA ALA F 315 17.48 -14.85 28.26
C ALA F 315 16.58 -14.02 27.35
N ALA F 316 17.12 -12.92 26.83
CA ALA F 316 16.34 -12.10 25.89
C ALA F 316 16.14 -12.82 24.57
N LEU F 317 17.06 -13.68 24.18
CA LEU F 317 16.92 -14.41 22.93
C LEU F 317 16.05 -15.65 23.10
N VAL F 318 15.98 -16.21 24.32
CA VAL F 318 15.11 -17.36 24.56
C VAL F 318 13.65 -16.93 24.47
N VAL F 319 13.29 -15.84 25.14
CA VAL F 319 11.93 -15.33 25.03
C VAL F 319 11.66 -14.79 23.63
N ASN F 320 12.71 -14.42 22.89
CA ASN F 320 12.53 -14.04 21.50
C ASN F 320 12.27 -15.27 20.63
N PHE F 321 12.85 -16.41 20.99
CA PHE F 321 12.55 -17.65 20.28
C PHE F 321 11.12 -18.11 20.57
N PHE F 322 10.64 -17.88 21.79
CA PHE F 322 9.26 -18.20 22.12
C PHE F 322 8.30 -17.32 21.34
N PHE F 323 8.67 -16.06 21.11
CA PHE F 323 7.86 -15.18 20.28
C PHE F 323 7.80 -15.67 18.84
N LEU F 324 8.89 -16.29 18.36
CA LEU F 324 8.89 -16.81 16.99
C LEU F 324 7.92 -17.99 16.85
N LEU F 325 7.93 -18.91 17.82
CA LEU F 325 7.03 -20.06 17.75
C LEU F 325 5.57 -19.62 17.80
N ASN F 326 5.28 -18.56 18.55
CA ASN F 326 3.90 -18.07 18.64
C ASN F 326 3.46 -17.41 17.34
N ILE F 327 4.36 -16.68 16.68
CA ILE F 327 4.01 -16.00 15.44
C ILE F 327 3.82 -17.01 14.32
N VAL F 328 4.70 -18.02 14.24
CA VAL F 328 4.54 -19.05 13.21
C VAL F 328 3.27 -19.86 13.46
N ARG F 329 2.96 -20.14 14.72
CA ARG F 329 1.72 -20.85 15.04
C ARG F 329 0.50 -20.03 14.62
N VAL F 330 0.54 -18.72 14.85
CA VAL F 330 -0.54 -17.85 14.40
C VAL F 330 -0.57 -17.78 12.88
N LEU F 331 0.60 -17.74 12.24
CA LEU F 331 0.66 -17.68 10.79
C LEU F 331 0.07 -18.92 10.14
N VAL F 332 0.33 -20.09 10.74
CA VAL F 332 -0.25 -21.33 10.22
C VAL F 332 -1.76 -21.33 10.43
N THR F 333 -2.22 -20.83 11.58
CA THR F 333 -3.66 -20.76 11.84
C THR F 333 -4.35 -19.84 10.83
N LYS F 334 -3.70 -18.74 10.46
CA LYS F 334 -4.28 -17.83 9.49
C LYS F 334 -4.34 -18.42 8.09
N MET F 335 -3.51 -19.43 7.80
CA MET F 335 -3.53 -20.08 6.49
C MET F 335 -4.44 -21.29 6.45
N ARG F 336 -4.82 -21.84 7.61
CA ARG F 336 -5.78 -22.95 7.62
C ARG F 336 -7.19 -22.50 7.30
N GLU F 337 -7.54 -21.27 7.66
CA GLU F 337 -8.87 -20.75 7.34
C GLU F 337 -9.04 -20.52 5.85
N THR F 338 -7.95 -20.20 5.14
CA THR F 338 -7.99 -20.02 3.70
C THR F 338 -8.06 -21.35 2.95
N HIS F 339 -7.80 -22.47 3.64
CA HIS F 339 -7.81 -23.80 3.03
C HIS F 339 -6.74 -23.90 1.94
N GLU F 340 -5.55 -23.42 2.25
CA GLU F 340 -4.42 -23.51 1.34
C GLU F 340 -3.95 -24.96 1.23
N ALA F 341 -3.27 -25.26 0.13
CA ALA F 341 -2.72 -26.60 -0.07
C ALA F 341 -1.74 -26.96 1.04
N GLU F 342 -1.68 -28.25 1.36
CA GLU F 342 -0.81 -28.70 2.45
C GLU F 342 0.66 -28.48 2.11
N SER F 343 1.05 -28.78 0.88
CA SER F 343 2.45 -28.59 0.47
C SER F 343 2.79 -27.11 0.42
N HIS F 344 1.83 -26.27 0.02
CA HIS F 344 2.08 -24.83 -0.02
C HIS F 344 2.07 -24.22 1.39
N MET F 345 1.33 -24.83 2.31
CA MET F 345 1.29 -24.31 3.67
C MET F 345 2.61 -24.54 4.39
N TYR F 346 3.20 -25.74 4.23
CA TYR F 346 4.49 -26.01 4.85
C TYR F 346 5.60 -25.16 4.24
N LEU F 347 5.54 -24.95 2.92
CA LEU F 347 6.56 -24.14 2.26
C LEU F 347 6.50 -22.69 2.70
N LYS F 348 5.30 -22.18 2.97
CA LYS F 348 5.16 -20.80 3.42
C LYS F 348 5.63 -20.62 4.86
N ALA F 349 5.41 -21.64 5.70
CA ALA F 349 5.84 -21.54 7.09
C ALA F 349 7.36 -21.61 7.20
N VAL F 350 8.01 -22.43 6.38
CA VAL F 350 9.46 -22.53 6.41
C VAL F 350 10.07 -21.26 5.81
N LYS F 351 9.45 -20.72 4.76
CA LYS F 351 9.97 -19.49 4.15
C LYS F 351 9.90 -18.32 5.13
N ALA F 352 8.81 -18.21 5.89
CA ALA F 352 8.69 -17.15 6.87
C ALA F 352 9.56 -17.37 8.09
N THR F 353 10.07 -18.59 8.28
CA THR F 353 10.94 -18.88 9.41
C THR F 353 12.41 -18.56 9.11
N MET F 354 12.89 -18.92 7.92
CA MET F 354 14.28 -18.67 7.58
C MET F 354 14.57 -17.18 7.44
N ILE F 355 13.54 -16.36 7.14
CA ILE F 355 13.73 -14.93 7.02
C ILE F 355 13.64 -14.21 8.36
N LEU F 356 13.12 -14.86 9.39
CA LEU F 356 13.05 -14.28 10.73
C LEU F 356 14.20 -14.70 11.63
N VAL F 357 14.99 -15.69 11.23
CA VAL F 357 16.13 -16.11 12.05
C VAL F 357 17.21 -15.04 12.10
N PRO F 358 17.66 -14.45 10.98
CA PRO F 358 18.68 -13.38 11.09
C PRO F 358 18.17 -12.14 11.80
N LEU F 359 16.86 -11.84 11.71
CA LEU F 359 16.33 -10.64 12.36
C LEU F 359 16.20 -10.84 13.86
N LEU F 360 15.69 -12.00 14.29
CA LEU F 360 15.45 -12.26 15.70
C LEU F 360 16.63 -12.92 16.40
N GLY F 361 17.66 -13.32 15.66
CA GLY F 361 18.81 -13.97 16.25
C GLY F 361 18.50 -15.33 16.83
N ILE F 362 17.88 -16.19 16.04
CA ILE F 362 17.52 -17.52 16.50
C ILE F 362 18.71 -18.48 16.49
N GLN F 363 19.74 -18.19 15.69
CA GLN F 363 20.90 -19.08 15.61
C GLN F 363 21.65 -19.17 16.95
N PHE F 364 21.45 -18.20 17.84
CA PHE F 364 22.07 -18.26 19.17
C PHE F 364 21.28 -19.12 20.15
N VAL F 365 20.05 -19.48 19.83
CA VAL F 365 19.21 -20.29 20.71
C VAL F 365 19.16 -21.74 20.24
N VAL F 366 18.98 -21.96 18.93
CA VAL F 366 18.93 -23.32 18.41
C VAL F 366 20.31 -23.96 18.34
N PHE F 367 21.38 -23.16 18.39
CA PHE F 367 22.75 -23.70 18.35
C PHE F 367 23.58 -23.16 19.52
N PRO F 368 23.23 -23.53 20.76
CA PRO F 368 24.05 -23.11 21.90
C PRO F 368 25.18 -24.05 22.23
N TRP F 369 25.14 -25.29 21.73
CA TRP F 369 26.15 -26.29 22.03
C TRP F 369 27.33 -26.17 21.09
N ARG F 370 28.48 -26.68 21.53
CA ARG F 370 29.67 -26.78 20.70
C ARG F 370 30.15 -28.22 20.73
N PRO F 371 30.13 -28.95 19.60
CA PRO F 371 30.54 -30.35 19.61
C PRO F 371 32.04 -30.48 19.87
N SER F 372 32.40 -31.37 20.81
CA SER F 372 33.80 -31.52 21.17
C SER F 372 34.60 -32.25 20.08
N ASN F 373 33.92 -32.94 19.18
CA ASN F 373 34.60 -33.65 18.11
C ASN F 373 35.37 -32.68 17.21
N LYS F 374 36.53 -33.11 16.73
CA LYS F 374 37.38 -32.26 15.90
C LYS F 374 36.68 -31.91 14.58
N MET F 375 36.14 -32.92 13.89
CA MET F 375 35.44 -32.66 12.64
C MET F 375 34.16 -31.89 12.88
N LEU F 376 33.38 -32.28 13.90
CA LEU F 376 32.14 -31.58 14.19
C LEU F 376 32.41 -30.16 14.70
N GLY F 377 33.45 -30.01 15.53
CA GLY F 377 33.79 -28.69 16.03
C GLY F 377 34.23 -27.74 14.92
N LYS F 378 34.96 -28.27 13.93
CA LYS F 378 35.39 -27.44 12.82
C LYS F 378 34.22 -27.00 11.96
N ILE F 379 33.25 -27.89 11.76
CA ILE F 379 32.05 -27.52 10.99
C ILE F 379 31.21 -26.53 11.76
N TYR F 380 31.13 -26.68 13.09
CA TYR F 380 30.35 -25.75 13.90
C TYR F 380 30.94 -24.34 13.84
N ASP F 381 32.27 -24.23 13.93
CA ASP F 381 32.90 -22.92 13.87
C ASP F 381 32.68 -22.26 12.51
N TYR F 382 32.59 -23.06 11.44
CA TYR F 382 32.36 -22.50 10.13
C TYR F 382 30.91 -22.10 9.92
N VAL F 383 29.97 -22.85 10.50
CA VAL F 383 28.56 -22.52 10.32
C VAL F 383 28.12 -21.44 11.30
N MET F 384 28.79 -21.32 12.45
CA MET F 384 28.43 -20.29 13.40
C MET F 384 28.98 -18.93 12.99
N HIS F 385 30.24 -18.88 12.56
CA HIS F 385 30.83 -17.63 12.11
C HIS F 385 30.24 -17.15 10.80
N SER F 386 29.61 -18.03 10.03
CA SER F 386 28.91 -17.64 8.83
C SER F 386 27.50 -17.14 9.09
N LEU F 387 27.00 -17.29 10.33
CA LEU F 387 25.70 -16.75 10.71
C LEU F 387 25.81 -15.55 11.64
N ILE F 388 26.95 -15.37 12.30
CA ILE F 388 27.16 -14.21 13.16
C ILE F 388 27.77 -13.06 12.39
N HIS F 389 28.89 -13.30 11.71
CA HIS F 389 29.55 -12.23 10.94
C HIS F 389 28.77 -11.90 9.69
N PHE F 390 28.28 -12.92 8.97
CA PHE F 390 27.46 -12.71 7.79
C PHE F 390 25.98 -12.61 8.15
N GLN F 391 25.66 -11.73 9.10
CA GLN F 391 24.30 -11.52 9.55
C GLN F 391 23.72 -10.19 9.10
N GLY F 392 24.51 -9.11 9.17
CA GLY F 392 24.03 -7.83 8.68
C GLY F 392 23.77 -7.84 7.18
N PHE F 393 24.51 -8.66 6.44
CA PHE F 393 24.27 -8.77 5.01
C PHE F 393 22.97 -9.51 4.72
N PHE F 394 22.63 -10.51 5.55
CA PHE F 394 21.40 -11.26 5.34
C PHE F 394 20.17 -10.41 5.69
N VAL F 395 20.25 -9.65 6.78
CA VAL F 395 19.11 -8.82 7.18
C VAL F 395 18.89 -7.70 6.18
N ALA F 396 19.97 -7.13 5.65
CA ALA F 396 19.84 -6.06 4.66
C ALA F 396 19.26 -6.59 3.35
N THR F 397 19.68 -7.78 2.93
CA THR F 397 19.21 -8.34 1.67
C THR F 397 17.73 -8.71 1.75
N ILE F 398 17.30 -9.26 2.88
CA ILE F 398 15.92 -9.76 2.99
C ILE F 398 14.94 -8.63 3.23
N TYR F 399 15.28 -7.70 4.12
CA TYR F 399 14.33 -6.68 4.56
C TYR F 399 14.44 -5.37 3.80
N CYS F 400 15.51 -5.17 3.04
CA CYS F 400 15.66 -3.96 2.23
C CYS F 400 15.73 -4.26 0.74
N PHE F 401 16.59 -5.18 0.32
CA PHE F 401 16.72 -5.49 -1.10
C PHE F 401 15.58 -6.36 -1.59
N CYS F 402 15.18 -7.37 -0.80
CA CYS F 402 14.08 -8.25 -1.18
C CYS F 402 12.72 -7.65 -0.87
N ASN F 403 12.66 -6.58 -0.08
CA ASN F 403 11.39 -5.96 0.25
C ASN F 403 10.69 -5.45 -1.00
N ASN F 404 9.38 -5.72 -1.08
CA ASN F 404 8.62 -5.36 -2.27
C ASN F 404 8.40 -3.84 -2.35
N GLU F 405 8.08 -3.22 -1.22
CA GLU F 405 7.82 -1.78 -1.22
C GLU F 405 9.09 -0.99 -1.57
N VAL F 406 10.25 -1.48 -1.15
CA VAL F 406 11.50 -0.79 -1.44
C VAL F 406 11.87 -0.94 -2.92
N GLN F 407 11.59 -2.12 -3.50
CA GLN F 407 11.95 -2.36 -4.89
C GLN F 407 11.15 -1.46 -5.83
N THR F 408 9.83 -1.38 -5.64
CA THR F 408 9.01 -0.53 -6.48
C THR F 408 9.32 0.95 -6.28
N THR F 409 9.76 1.32 -5.08
CA THR F 409 10.10 2.72 -4.82
C THR F 409 11.39 3.10 -5.54
N VAL F 410 12.41 2.22 -5.50
CA VAL F 410 13.67 2.52 -6.17
C VAL F 410 13.49 2.49 -7.68
N LYS F 411 12.74 1.51 -8.19
CA LYS F 411 12.52 1.43 -9.63
C LYS F 411 11.73 2.64 -10.14
N ARG F 412 10.75 3.10 -9.36
CA ARG F 412 9.99 4.27 -9.76
C ARG F 412 10.82 5.54 -9.67
N GLN F 413 11.67 5.63 -8.64
CA GLN F 413 12.51 6.82 -8.49
C GLN F 413 13.58 6.89 -9.57
N TRP F 414 14.00 5.73 -10.10
CA TRP F 414 15.05 5.71 -11.12
C TRP F 414 14.49 5.85 -12.52
N ALA F 415 13.28 5.33 -12.77
CA ALA F 415 12.71 5.36 -14.11
C ALA F 415 12.22 6.74 -14.51
N GLN F 416 12.06 7.65 -13.55
CA GLN F 416 11.59 9.01 -13.86
C GLN F 416 12.73 9.95 -14.20
N PHE F 417 13.57 9.54 -15.15
CA PHE F 417 14.70 10.36 -15.58
C PHE F 417 14.60 10.68 -17.07
C1 PLM G . 49.31 -12.88 13.06
O1 PLM G . 50.19 -12.61 13.90
O2 PLM G . 48.10 -12.67 13.21
C2 PLM G . 49.76 -13.54 11.76
C3 PLM G . 48.63 -13.86 10.84
C4 PLM G . 49.09 -14.52 9.55
C5 PLM G . 47.97 -15.02 8.69
C6 PLM G . 48.39 -15.46 7.31
C7 PLM G . 47.27 -15.97 6.46
C8 PLM G . 47.48 -15.80 4.98
C9 PLM G . 46.32 -16.24 4.13
CA PLM G . 46.07 -17.72 4.16
CB PLM G . 44.67 -18.10 4.55
CC PLM G . 43.59 -17.43 3.75
CD PLM G . 42.18 -17.81 4.17
CE PLM G . 41.09 -17.10 3.42
CF PLM G . 39.70 -17.48 3.84
CG PLM G . 38.61 -16.72 3.11
C1 NAG H . 51.95 -39.21 23.28
C2 NAG H . 52.74 -40.34 22.63
C3 NAG H . 52.88 -40.10 21.14
C4 NAG H . 51.51 -39.87 20.51
C5 NAG H . 50.76 -38.77 21.25
C6 NAG H . 49.34 -38.58 20.76
C7 NAG H . 54.38 -41.49 24.07
C8 NAG H . 55.77 -41.48 24.61
N2 NAG H . 54.06 -40.48 23.25
O3 NAG H . 53.52 -41.21 20.53
O4 NAG H . 51.66 -39.50 19.14
O5 NAG H . 50.68 -39.09 22.65
O6 NAG H . 48.59 -39.77 20.89
O7 NAG H . 53.58 -42.38 24.35
C1 NAG I . 51.66 -48.70 47.38
C2 NAG I . 53.07 -49.29 47.26
C3 NAG I . 53.19 -50.55 48.09
C4 NAG I . 52.77 -50.28 49.53
C5 NAG I . 51.38 -49.66 49.57
C6 NAG I . 50.94 -49.24 50.97
C7 NAG I . 54.19 -48.78 45.14
C8 NAG I . 54.41 -49.21 43.72
N2 NAG I . 53.40 -49.56 45.87
O3 NAG I . 54.53 -51.02 48.06
O4 NAG I . 52.75 -51.49 50.29
O5 NAG I . 51.36 -48.46 48.76
O6 NAG I . 51.60 -48.06 51.38
O7 NAG I . 54.69 -47.76 45.59
C1 PLM J . 48.76 -6.54 9.05
O1 PLM J . 48.52 -6.01 10.15
O2 PLM J . 49.91 -6.62 8.56
C2 PLM J . 47.60 -7.10 8.25
C3 PLM J . 46.57 -6.09 7.89
C4 PLM J . 45.38 -6.70 7.17
C5 PLM J . 44.34 -5.69 6.76
C6 PLM J . 43.09 -6.28 6.17
C7 PLM J . 42.04 -5.24 5.84
C8 PLM J . 41.73 -4.32 6.99
C9 PLM J . 40.84 -3.16 6.64
CA PLM J . 39.51 -3.56 6.06
CB PLM J . 38.50 -2.44 6.02
CC PLM J . 37.20 -2.80 5.35
CD PLM J . 36.20 -1.66 5.29
CE PLM J . 35.03 -1.92 4.38
CF PLM J . 34.11 -0.75 4.17
CG PLM J . 33.06 -0.99 3.11
C1 PLM K . 44.25 -26.44 2.08
O1 PLM K . 44.91 -25.41 1.85
O2 PLM K . 44.42 -27.15 3.09
C2 PLM K . 43.17 -26.84 1.08
C3 PLM K . 41.79 -26.91 1.64
C4 PLM K . 41.32 -25.58 2.19
C5 PLM K . 39.89 -25.57 2.68
C6 PLM K . 39.40 -24.22 3.10
C7 PLM K . 37.90 -24.15 3.38
C8 PLM K . 37.37 -22.75 3.46
C9 PLM K . 35.88 -22.64 3.59
CA PLM K . 35.35 -21.28 3.22
CB PLM K . 33.88 -21.08 3.46
CC PLM K . 33.34 -19.81 2.84
CD PLM K . 31.95 -19.43 3.29
CE PLM K . 31.39 -18.23 2.58
CF PLM K . 30.15 -17.65 3.21
CG PLM K . 29.50 -16.55 2.41
C1 PLM L . 38.14 -36.19 7.11
O1 PLM L . 38.87 -35.21 7.36
O2 PLM L . 38.18 -37.25 7.77
C2 PLM L . 37.19 -36.10 5.94
C3 PLM L . 36.16 -35.01 6.05
C4 PLM L . 35.22 -34.97 4.87
C5 PLM L . 34.07 -34.01 5.01
C6 PLM L . 34.46 -32.56 5.01
C7 PLM L . 33.29 -31.62 4.91
C8 PLM L . 33.62 -30.15 4.90
C9 PLM L . 32.42 -29.26 4.79
CA PLM L . 32.65 -27.80 5.08
CB PLM L . 31.40 -27.05 5.43
CC PLM L . 31.52 -25.55 5.36
CD PLM L . 30.21 -24.83 5.63
CE PLM L . 30.20 -23.38 5.23
CF PLM L . 28.85 -22.74 5.40
CG PLM L . 28.76 -21.35 4.81
C1 PLM M . -1.35 -4.73 25.96
O1 PLM M . -2.10 -5.65 25.58
O2 PLM M . -1.72 -3.80 26.71
C2 PLM M . 0.09 -4.73 25.48
C3 PLM M . 0.87 -5.95 25.88
C4 PLM M . 2.36 -5.80 25.57
C5 PLM M . 3.19 -6.99 25.99
C6 PLM M . 4.67 -6.75 25.95
C7 PLM M . 5.50 -7.89 26.47
C8 PLM M . 6.95 -7.54 26.69
C9 PLM M . 7.78 -8.67 27.24
CA PLM M . 9.21 -8.31 27.49
CB PLM M . 10.10 -9.49 27.81
CC PLM M . 11.57 -9.19 27.82
CD PLM M . 12.03 -8.39 29.00
CE PLM M . 13.11 -9.06 29.82
CF PLM M . 14.33 -9.45 29.02
CG PLM M . 15.42 -10.08 29.85
C1 PLM N . 0.48 1.74 26.82
O1 PLM N . 1.16 1.94 27.85
O2 PLM N . -0.76 1.55 26.84
C2 PLM N . 1.20 1.72 25.49
C3 PLM N . 2.27 0.69 25.36
C4 PLM N . 1.75 -0.72 25.57
C5 PLM N . 2.75 -1.80 25.26
C6 PLM N . 3.37 -1.68 23.89
C7 PLM N . 4.21 -2.86 23.47
C8 PLM N . 5.39 -3.14 24.39
C9 PLM N . 6.35 -2.00 24.52
CA PLM N . 7.69 -2.39 25.09
CB PLM N . 7.60 -3.26 26.31
CC PLM N . 8.94 -3.57 26.95
CD PLM N . 9.45 -2.48 27.84
CE PLM N . 10.86 -2.70 28.35
CF PLM N . 11.39 -1.56 29.18
CG PLM N . 12.83 -1.73 29.63
C1 PLM O . 35.57 -16.82 38.26
O1 PLM O . 36.21 -15.86 38.74
O2 PLM O . 35.38 -16.99 37.05
C2 PLM O . 35.01 -17.86 39.22
C3 PLM O . 34.10 -17.31 40.28
C4 PLM O . 32.92 -16.56 39.70
C5 PLM O . 32.01 -15.96 40.75
C6 PLM O . 30.84 -15.20 40.18
C7 PLM O . 29.99 -15.99 39.22
C8 PLM O . 28.88 -15.21 38.59
C9 PLM O . 28.10 -15.99 37.57
CA PLM O . 27.00 -15.21 36.90
CB PLM O . 25.91 -14.76 37.82
CC PLM O . 24.73 -14.14 37.12
CD PLM O . 24.24 -14.92 35.93
CE PLM O . 22.84 -14.58 35.49
CF PLM O . 22.60 -13.11 35.25
CG PLM O . 21.18 -12.79 34.87
C1 PLM P . 9.95 -10.18 -3.48
O1 PLM P . 9.75 -10.51 -2.29
O2 PLM P . 9.69 -9.05 -3.94
C2 PLM P . 10.56 -11.22 -4.41
C3 PLM P . 10.76 -10.76 -5.82
C4 PLM P . 12.09 -10.04 -6.02
C5 PLM P . 13.30 -10.89 -5.73
C6 PLM P . 14.61 -10.19 -6.01
C7 PLM P . 15.83 -11.02 -5.69
C8 PLM P . 17.14 -10.31 -5.84
C9 PLM P . 17.30 -9.10 -4.95
CA PLM P . 18.74 -8.68 -4.76
CB PLM P . 19.65 -9.79 -4.32
CC PLM P . 21.00 -9.35 -3.83
CD PLM P . 21.83 -8.64 -4.87
CE PLM P . 23.23 -8.30 -4.42
CF PLM P . 23.30 -7.45 -3.19
CG PLM P . 24.70 -7.07 -2.78
C1 PLM Q . 13.87 8.09 14.56
O1 PLM Q . 14.32 7.29 13.71
O2 PLM Q . 12.93 8.87 14.35
C2 PLM Q . 14.52 8.10 15.94
C3 PLM Q . 15.98 8.38 15.93
C4 PLM Q . 16.57 8.40 17.32
C5 PLM Q . 16.30 7.15 18.11
C6 PLM Q . 16.96 7.12 19.46
C7 PLM Q . 18.45 7.30 19.42
C8 PLM Q . 19.12 7.05 20.74
C9 PLM Q . 20.57 7.44 20.77
CA PLM Q . 21.44 6.75 19.75
CB PLM Q . 22.87 6.67 20.17
CC PLM Q . 23.79 5.94 19.23
CD PLM Q . 25.23 6.00 19.65
CE PLM Q . 26.14 5.09 18.88
CF PLM Q . 27.57 5.20 19.32
CG PLM Q . 27.76 4.92 20.80
C1 PLM R . 9.82 9.14 21.30
O1 PLM R . 8.60 8.93 21.42
O2 PLM R . 10.36 9.46 20.22
C2 PLM R . 10.71 9.01 22.53
C3 PLM R . 12.15 9.32 22.28
C4 PLM R . 13.01 9.02 23.48
C5 PLM R . 14.49 9.19 23.22
C6 PLM R . 15.38 8.83 24.39
C7 PLM R . 15.14 7.44 24.93
C8 PLM R . 16.27 6.93 25.79
C9 PLM R . 17.63 6.99 25.12
CA PLM R . 18.75 6.51 25.99
CB PLM R . 20.11 6.74 25.42
CC PLM R . 21.22 6.36 26.36
CD PLM R . 22.59 6.81 25.93
CE PLM R . 23.13 6.11 24.71
CF PLM R . 24.54 6.47 24.38
CG PLM R . 25.15 5.59 23.33
#